data_7X7A
#
_entry.id   7X7A
#
_cell.length_a   1.00
_cell.length_b   1.00
_cell.length_c   1.00
_cell.angle_alpha   90.00
_cell.angle_beta   90.00
_cell.angle_gamma   90.00
#
_symmetry.space_group_name_H-M   'P 1'
#
loop_
_entity.id
_entity.type
_entity.pdbx_description
1 polymer 'RAMP superfamily protein'
2 polymer 'RNA (33-MER)'
3 non-polymer 'ZINC ION'
#
loop_
_entity_poly.entity_id
_entity_poly.type
_entity_poly.pdbx_seq_one_letter_code
_entity_poly.pdbx_strand_id
1 'polypeptide(L)'
;MKSNDMNITVELTFFEPYRLVEWFDWDARKKSHSAMRGQAFAQWTWKGKGRTAGKSFITGTLVRSAVIKAVEELLSLNNG
KWEGVPCCNGSFQTDESKGKKPSFLRKRHTLQWQANNKNICDKEEACPFCILLGRFDNAGKVHERNKDYDIHFSNFDLDH
KQEKNDLRLVDIASGRILNRVDFDTGKAKDYFRTWEADYETYGTYTGRITLRNEHAKKLLLASLGFVDKLCGALCRIEVI
KKSESPLPSDTKEQSYTKDDTVEVLSEDHNDELRKQAEVIVEAFKQNDKLEKIRILADAIRTLRLHGEGVIEKDELPDGK
EERDKGHHLWDIKVQGTALRTKLKELWQSNKDIGWRKFTEMLGSNLYLIYKKETGGVSTRFRILGDTEYYSKAHDSEGSD
LFIPVTPPEGIETKEWIIVGRLKAATPFYFGVQQPSDSIPGKEKKSEDSLVINEHTSFNILLDKENRYRIPRSALRGALR
RDLRTAFGSGCNVSLGGQILCNCKVCIEMRRITLKDSVSDFSEPPEIRYRIAKNPGTATVEDGSLFDIEVGPEGLTFPFV
LRYRGHKFPEQLSSVIRYWEENDGKNGMAWLGGLDSTGKGRFALKDIKIFEWDLNQKINEYIKERGMRGKEKELLEMGES
SLPDGLIPYKFFEERECLFPYKENLKPQWSEVQYTIEVGSPLLTADTISALTEPGNRDAIAYKKRVYNDGNNAIEPEPRF
AVKSETHRGIFRTAVGRRTGDLGKEDHEDCTCDMCIIFGNEHESSKIRFEDLELINGNEFEKLEKHIDHVAIDRFTGGAL
DKAKFDTYPLAGSPKKPLKLKGRFWIKKGFSGDHKLLITTALSDIRDGLYPLGSKGGVGYGWVAGISIDDNVPDDFKEMI
NKTEMPLPEEVEESNNGPINNDYVHPGHQSPKQDHKNKNIYYPHYFLDSGSKVYREKDIITHEEFTEELLSGKINCKLET
LTPLIIPDTSDENGLKLQGNKPGHKNYKFFNINGELMIPGSELRGMLRTHFEALTKSCFAIFGEDSTLSWRMNADEKDYK
IDSNSIRKMESQRNPKYRIPDELQKELRNSGNGLFNRLYTSERRFWSDVSNKFENSIDYKREILRCAGRPKNYKGGIIRQ
RKDSLMAEELKVHRLPLYDNFDIPDSAYKANDHCRKSATCSTSRGCRERFTCGIKVRDKNRVFLNAANNNRQYLNNIKKS
NHDLYLQYLKGEKKIRFNSKVITGSERSPIDVIAELNERGRQTGFIKLSGLNNSNKSQGNTGTTFNSGWDRFELNILLDD
LETRPSKSDYPRPRLLFTKDQYEYNITKRCERVFEIDKGNKTGYPVDDQIKKNYEDILDSYDGIKDQEVAERFDTFTRGS
KLKVGDLVYFHIDGDNKIDSLIPVRISRKCASKTLGGKLDKALHPCTGLSDGLCPGCHLFGTTDYKGRVKFGFAKYENGP
EWLITRGNNPERSLTLGVLESPRPAFSIPDDESEIPGRKFYLHHNGWRIIRQKQLEIRETVQPERNVTTEVMDKGNVFSF
DVRFENLREWELGLLLQSLDPGKNIAHKLGKGKPYGFGSVKIKIDSLHTFKINSNNDKIKRVPQSDIREYINKGYQKLIE
WSGNNSIQKGNVLPQWHVIPHIDKLYKLLWVPFLNDSKLEPDVRYPVLNEESKGYIEGSDYTYKKLGDKDNLPYKTRVKG
LTTPWSPWNPFQVIAEHEEQEVNVTGSRPSVTDKIERDGKMV
;
A
2 'polyribonucleotide' GACUUAAUGUCACGGUACCCAAUUUUCUGCCCC C
#
loop_
_chem_comp.id
_chem_comp.type
_chem_comp.name
_chem_comp.formula
A RNA linking ADENOSINE-5'-MONOPHOSPHATE 'C10 H14 N5 O7 P'
C RNA linking CYTIDINE-5'-MONOPHOSPHATE 'C9 H14 N3 O8 P'
G RNA linking GUANOSINE-5'-MONOPHOSPHATE 'C10 H14 N5 O8 P'
U RNA linking URIDINE-5'-MONOPHOSPHATE 'C9 H13 N2 O9 P'
ZN non-polymer 'ZINC ION' 'Zn 2'
#
# COMPACT_ATOMS: atom_id res chain seq x y z
N ASP A 5 -16.92 -60.67 -23.13
CA ASP A 5 -15.56 -61.20 -23.18
C ASP A 5 -14.57 -60.12 -23.64
N MET A 6 -15.08 -59.15 -24.40
CA MET A 6 -14.23 -58.08 -24.91
C MET A 6 -13.73 -57.19 -23.78
N ASN A 7 -12.51 -56.70 -23.94
CA ASN A 7 -11.89 -55.81 -22.96
C ASN A 7 -11.94 -54.38 -23.47
N ILE A 8 -12.49 -53.48 -22.66
CA ILE A 8 -12.65 -52.08 -23.02
C ILE A 8 -11.53 -51.29 -22.37
N THR A 9 -10.73 -50.60 -23.17
CA THR A 9 -9.72 -49.69 -22.68
C THR A 9 -10.30 -48.28 -22.59
N VAL A 10 -9.92 -47.56 -21.53
CA VAL A 10 -10.55 -46.28 -21.21
C VAL A 10 -9.46 -45.24 -21.02
N GLU A 11 -9.67 -44.07 -21.63
CA GLU A 11 -8.76 -42.94 -21.50
C GLU A 11 -9.42 -41.88 -20.63
N LEU A 12 -8.68 -41.38 -19.64
CA LEU A 12 -9.20 -40.42 -18.67
C LEU A 12 -8.32 -39.18 -18.70
N THR A 13 -8.88 -38.06 -19.15
CA THR A 13 -8.16 -36.80 -19.28
C THR A 13 -8.81 -35.74 -18.39
N PHE A 14 -7.98 -34.99 -17.67
CA PHE A 14 -8.46 -33.97 -16.74
C PHE A 14 -8.32 -32.60 -17.37
N PHE A 15 -9.32 -31.75 -17.13
CA PHE A 15 -9.32 -30.37 -17.62
C PHE A 15 -9.21 -29.35 -16.50
N GLU A 16 -8.86 -29.78 -15.30
CA GLU A 16 -8.66 -28.91 -14.16
C GLU A 16 -7.52 -29.47 -13.33
N PRO A 17 -6.85 -28.63 -12.53
CA PRO A 17 -5.83 -29.17 -11.62
C PRO A 17 -6.46 -30.09 -10.59
N TYR A 18 -6.17 -31.39 -10.69
CA TYR A 18 -6.77 -32.38 -9.80
C TYR A 18 -5.90 -32.58 -8.57
N ARG A 19 -6.52 -33.18 -7.55
CA ARG A 19 -5.86 -33.40 -6.28
C ARG A 19 -5.42 -34.85 -6.15
N LEU A 20 -4.24 -35.06 -5.59
CA LEU A 20 -3.74 -36.41 -5.32
C LEU A 20 -3.16 -36.44 -3.92
N VAL A 21 -3.13 -37.64 -3.34
CA VAL A 21 -2.67 -37.83 -1.96
C VAL A 21 -1.93 -39.15 -1.88
N GLU A 22 -1.17 -39.34 -0.80
CA GLU A 22 -0.45 -40.58 -0.60
C GLU A 22 -1.43 -41.73 -0.41
N TRP A 23 -1.09 -42.88 -1.00
CA TRP A 23 -2.01 -44.02 -0.99
C TRP A 23 -2.05 -44.71 0.36
N PHE A 24 -0.90 -44.89 1.01
CA PHE A 24 -0.78 -45.63 2.26
C PHE A 24 -1.30 -47.06 2.09
N ASP A 25 -2.49 -47.33 2.63
CA ASP A 25 -3.14 -48.63 2.52
C ASP A 25 -4.60 -48.44 2.89
N TRP A 26 -5.31 -49.55 3.11
CA TRP A 26 -6.65 -49.45 3.68
C TRP A 26 -6.63 -49.62 5.20
N ASP A 27 -5.91 -50.63 5.68
CA ASP A 27 -5.80 -50.85 7.12
C ASP A 27 -5.06 -49.69 7.80
N ALA A 28 -4.00 -49.19 7.16
CA ALA A 28 -3.18 -48.13 7.74
C ALA A 28 -3.64 -46.74 7.33
N ARG A 29 -4.73 -46.62 6.55
CA ARG A 29 -5.22 -45.30 6.17
C ARG A 29 -5.79 -44.55 7.35
N LYS A 30 -6.40 -45.26 8.31
CA LYS A 30 -7.02 -44.60 9.45
C LYS A 30 -6.01 -43.88 10.33
N LYS A 31 -4.73 -44.23 10.23
CA LYS A 31 -3.70 -43.57 11.03
C LYS A 31 -3.29 -42.21 10.49
N SER A 32 -3.69 -41.87 9.28
CA SER A 32 -3.36 -40.59 8.67
C SER A 32 -4.64 -39.89 8.24
N HIS A 33 -4.86 -38.68 8.74
CA HIS A 33 -6.07 -37.93 8.40
C HIS A 33 -6.06 -37.47 6.95
N SER A 34 -4.87 -37.13 6.43
CA SER A 34 -4.79 -36.62 5.06
C SER A 34 -5.25 -37.68 4.05
N ALA A 35 -4.82 -38.92 4.23
CA ALA A 35 -5.25 -39.98 3.31
C ALA A 35 -6.69 -40.40 3.57
N MET A 36 -7.15 -40.32 4.82
CA MET A 36 -8.53 -40.66 5.13
C MET A 36 -9.49 -39.67 4.49
N ARG A 37 -9.15 -38.38 4.50
CA ARG A 37 -10.01 -37.38 3.87
C ARG A 37 -9.97 -37.50 2.36
N GLY A 38 -8.79 -37.73 1.78
CA GLY A 38 -8.65 -37.79 0.35
C GLY A 38 -8.75 -39.18 -0.24
N GLN A 39 -9.86 -39.88 0.02
CA GLN A 39 -10.10 -41.18 -0.60
C GLN A 39 -10.66 -41.08 -2.01
N ALA A 40 -11.16 -39.91 -2.40
CA ALA A 40 -11.70 -39.71 -3.74
C ALA A 40 -10.69 -39.09 -4.68
N PHE A 41 -9.44 -38.95 -4.25
CA PHE A 41 -8.39 -38.35 -5.06
C PHE A 41 -7.54 -39.43 -5.71
N ALA A 42 -6.66 -39.01 -6.61
CA ALA A 42 -5.65 -39.90 -7.14
C ALA A 42 -4.65 -40.26 -6.05
N GLN A 43 -4.16 -41.49 -6.09
CA GLN A 43 -3.21 -41.95 -5.08
C GLN A 43 -1.78 -41.74 -5.58
N TRP A 44 -0.82 -42.01 -4.69
CA TRP A 44 0.59 -41.85 -5.03
C TRP A 44 1.39 -42.79 -4.13
N THR A 45 2.16 -43.68 -4.75
CA THR A 45 3.02 -44.60 -4.02
C THR A 45 4.48 -44.29 -4.35
N TRP A 46 5.32 -44.25 -3.33
CA TRP A 46 6.73 -43.96 -3.52
C TRP A 46 7.44 -45.18 -4.10
N LYS A 47 8.36 -44.93 -5.02
CA LYS A 47 9.13 -46.00 -5.67
C LYS A 47 10.51 -46.18 -5.09
N GLY A 48 11.24 -45.09 -4.84
CA GLY A 48 12.56 -45.17 -4.28
C GLY A 48 12.55 -45.31 -2.77
N LYS A 49 13.75 -45.23 -2.19
CA LYS A 49 13.90 -45.32 -0.75
C LYS A 49 13.98 -43.97 -0.05
N GLY A 50 14.27 -42.91 -0.79
CA GLY A 50 14.38 -41.58 -0.24
C GLY A 50 13.10 -40.76 -0.25
N ARG A 51 11.96 -41.38 -0.60
CA ARG A 51 10.67 -40.70 -0.66
C ARG A 51 10.73 -39.50 -1.60
N THR A 52 11.22 -39.73 -2.82
CA THR A 52 11.35 -38.65 -3.80
C THR A 52 10.76 -39.04 -5.14
N ALA A 53 10.72 -40.34 -5.44
CA ALA A 53 10.26 -40.83 -6.73
C ALA A 53 9.13 -41.83 -6.54
N GLY A 54 8.11 -41.73 -7.38
CA GLY A 54 6.99 -42.65 -7.31
C GLY A 54 6.13 -42.53 -8.55
N LYS A 55 5.04 -43.29 -8.55
CA LYS A 55 4.07 -43.30 -9.64
C LYS A 55 2.68 -43.02 -9.11
N SER A 56 1.98 -42.10 -9.76
CA SER A 56 0.61 -41.77 -9.42
C SER A 56 -0.35 -42.69 -10.16
N PHE A 57 -1.54 -42.87 -9.59
CA PHE A 57 -2.55 -43.72 -10.20
C PHE A 57 -3.91 -43.38 -9.59
N ILE A 58 -4.96 -43.88 -10.22
CA ILE A 58 -6.33 -43.73 -9.76
C ILE A 58 -6.93 -45.11 -9.59
N THR A 59 -7.45 -45.40 -8.40
CA THR A 59 -8.01 -46.71 -8.14
C THR A 59 -9.24 -46.96 -9.01
N GLY A 60 -9.41 -48.21 -9.43
CA GLY A 60 -10.56 -48.57 -10.22
C GLY A 60 -11.87 -48.51 -9.45
N THR A 61 -11.81 -48.60 -8.12
CA THR A 61 -13.03 -48.53 -7.32
C THR A 61 -13.67 -47.15 -7.41
N LEU A 62 -12.85 -46.09 -7.40
CA LEU A 62 -13.40 -44.74 -7.50
C LEU A 62 -14.06 -44.51 -8.86
N VAL A 63 -13.42 -44.97 -9.94
CA VAL A 63 -14.01 -44.86 -11.26
C VAL A 63 -15.29 -45.68 -11.34
N ARG A 64 -15.30 -46.85 -10.70
CA ARG A 64 -16.52 -47.67 -10.66
C ARG A 64 -17.65 -46.94 -9.94
N SER A 65 -17.33 -46.27 -8.83
CA SER A 65 -18.34 -45.51 -8.10
C SER A 65 -18.89 -44.37 -8.95
N ALA A 66 -18.01 -43.67 -9.67
CA ALA A 66 -18.46 -42.62 -10.57
C ALA A 66 -19.36 -43.18 -11.67
N VAL A 67 -18.99 -44.35 -12.21
CA VAL A 67 -19.80 -44.98 -13.25
C VAL A 67 -21.16 -45.39 -12.70
N ILE A 68 -21.19 -45.90 -11.48
CA ILE A 68 -22.47 -46.27 -10.86
C ILE A 68 -23.35 -45.05 -10.67
N LYS A 69 -22.76 -43.94 -10.21
CA LYS A 69 -23.54 -42.72 -10.06
C LYS A 69 -24.08 -42.25 -11.40
N ALA A 70 -23.26 -42.31 -12.45
CA ALA A 70 -23.72 -41.91 -13.78
C ALA A 70 -24.84 -42.82 -14.27
N VAL A 71 -24.73 -44.13 -14.00
CA VAL A 71 -25.77 -45.07 -14.37
C VAL A 71 -27.08 -44.73 -13.67
N GLU A 72 -27.00 -44.44 -12.37
CA GLU A 72 -28.20 -44.09 -11.62
C GLU A 72 -28.85 -42.84 -12.21
N GLU A 73 -28.04 -41.82 -12.50
CA GLU A 73 -28.60 -40.58 -13.06
C GLU A 73 -29.23 -40.83 -14.42
N LEU A 74 -28.56 -41.59 -15.29
CA LEU A 74 -29.10 -41.86 -16.62
C LEU A 74 -30.40 -42.65 -16.55
N LEU A 75 -30.46 -43.67 -15.70
CA LEU A 75 -31.67 -44.47 -15.60
C LEU A 75 -32.81 -43.67 -14.99
N SER A 76 -32.51 -42.77 -14.05
CA SER A 76 -33.55 -41.93 -13.49
C SER A 76 -34.04 -40.89 -14.48
N LEU A 77 -33.18 -40.42 -15.37
CA LEU A 77 -33.59 -39.43 -16.35
C LEU A 77 -34.64 -40.00 -17.31
N ASN A 78 -34.45 -41.24 -17.74
CA ASN A 78 -35.32 -41.86 -18.74
C ASN A 78 -36.35 -42.78 -18.09
N ASN A 79 -36.86 -42.40 -16.91
CA ASN A 79 -37.97 -43.10 -16.25
C ASN A 79 -37.67 -44.59 -16.04
N GLY A 80 -36.45 -44.89 -15.64
CA GLY A 80 -36.09 -46.27 -15.35
C GLY A 80 -36.05 -47.21 -16.53
N LYS A 81 -35.51 -46.77 -17.66
CA LYS A 81 -35.35 -47.62 -18.82
C LYS A 81 -34.28 -47.02 -19.72
N TRP A 82 -33.48 -47.88 -20.34
CA TRP A 82 -32.44 -47.45 -21.26
C TRP A 82 -32.58 -48.25 -22.55
N GLU A 83 -32.77 -47.54 -23.66
CA GLU A 83 -32.96 -48.15 -24.98
C GLU A 83 -34.10 -49.16 -24.97
N GLY A 84 -35.16 -48.84 -24.22
CA GLY A 84 -36.32 -49.71 -24.14
C GLY A 84 -36.15 -50.91 -23.23
N VAL A 85 -35.05 -51.02 -22.51
CA VAL A 85 -34.79 -52.14 -21.62
C VAL A 85 -35.06 -51.68 -20.19
N PRO A 86 -36.07 -52.23 -19.52
CA PRO A 86 -36.34 -51.81 -18.14
C PRO A 86 -35.27 -52.33 -17.18
N CYS A 87 -35.17 -51.66 -16.03
CA CYS A 87 -34.20 -52.00 -15.00
C CYS A 87 -34.87 -52.03 -13.65
N CYS A 88 -34.30 -52.82 -12.74
CA CYS A 88 -34.83 -52.93 -11.38
C CYS A 88 -34.38 -51.74 -10.54
N ASN A 89 -34.61 -51.82 -9.24
CA ASN A 89 -34.19 -50.77 -8.32
C ASN A 89 -32.76 -50.94 -7.83
N GLY A 90 -32.08 -52.02 -8.22
CA GLY A 90 -30.76 -52.27 -7.69
C GLY A 90 -30.81 -52.76 -6.26
N SER A 91 -29.63 -52.81 -5.65
CA SER A 91 -29.52 -53.22 -4.25
C SER A 91 -28.24 -52.64 -3.68
N PHE A 92 -28.36 -51.84 -2.63
CA PHE A 92 -27.21 -51.22 -1.98
C PHE A 92 -27.17 -51.52 -0.48
N GLN A 93 -27.81 -52.59 -0.05
CA GLN A 93 -27.89 -52.96 1.36
C GLN A 93 -27.13 -54.26 1.59
N THR A 94 -26.32 -54.29 2.65
CA THR A 94 -25.58 -55.49 3.02
C THR A 94 -25.50 -55.60 4.53
N ASP A 95 -25.60 -56.82 5.03
CA ASP A 95 -25.50 -57.11 6.45
C ASP A 95 -25.41 -58.61 6.66
N GLU A 96 -24.84 -59.01 7.79
CA GLU A 96 -24.72 -60.42 8.16
C GLU A 96 -24.75 -60.59 9.67
N LYS A 100 -19.22 -59.61 5.09
CA LYS A 100 -18.51 -58.38 5.40
C LYS A 100 -19.26 -57.17 4.86
N LYS A 101 -18.61 -56.02 4.88
CA LYS A 101 -19.19 -54.77 4.39
C LYS A 101 -18.22 -54.08 3.45
N PRO A 102 -18.73 -53.27 2.53
CA PRO A 102 -17.84 -52.57 1.60
C PRO A 102 -16.92 -51.59 2.31
N SER A 103 -15.74 -51.37 1.73
CA SER A 103 -14.78 -50.45 2.31
C SER A 103 -15.28 -49.02 2.33
N PHE A 104 -16.27 -48.69 1.50
CA PHE A 104 -16.85 -47.36 1.46
C PHE A 104 -18.36 -47.46 1.63
N LEU A 105 -18.92 -46.61 2.49
CA LEU A 105 -20.35 -46.56 2.73
C LEU A 105 -20.96 -45.38 1.99
N ARG A 106 -22.26 -45.47 1.71
CA ARG A 106 -22.89 -44.49 0.82
C ARG A 106 -23.07 -43.15 1.53
N LYS A 107 -23.88 -43.11 2.58
CA LYS A 107 -24.21 -41.86 3.26
C LYS A 107 -24.73 -40.81 2.29
N ARG A 108 -25.57 -41.24 1.36
CA ARG A 108 -26.08 -40.34 0.33
C ARG A 108 -27.43 -40.83 -0.16
N HIS A 109 -28.18 -39.94 -0.80
CA HIS A 109 -29.47 -40.27 -1.37
C HIS A 109 -29.27 -41.01 -2.68
N THR A 110 -29.78 -42.22 -2.77
CA THR A 110 -29.70 -43.02 -3.98
C THR A 110 -30.96 -42.78 -4.81
N LEU A 111 -30.79 -42.31 -6.03
CA LEU A 111 -31.91 -42.16 -6.93
C LEU A 111 -32.58 -43.51 -7.14
N GLN A 112 -33.91 -43.54 -7.07
CA GLN A 112 -34.64 -44.79 -7.02
C GLN A 112 -35.72 -44.79 -8.09
N TRP A 113 -36.22 -45.98 -8.41
CA TRP A 113 -37.13 -46.18 -9.52
C TRP A 113 -38.42 -46.82 -9.02
N GLN A 114 -39.44 -46.79 -9.88
CA GLN A 114 -40.78 -47.20 -9.45
C GLN A 114 -41.07 -48.68 -9.74
N ALA A 115 -41.01 -49.08 -11.00
CA ALA A 115 -41.57 -50.37 -11.40
C ALA A 115 -40.95 -50.79 -12.73
N ASN A 116 -41.62 -51.75 -13.39
CA ASN A 116 -41.33 -52.28 -14.73
C ASN A 116 -40.23 -53.35 -14.72
N ASN A 117 -39.81 -53.83 -13.56
CA ASN A 117 -38.90 -54.95 -13.51
C ASN A 117 -39.60 -56.22 -14.00
N LYS A 118 -38.88 -57.03 -14.78
CA LYS A 118 -39.47 -58.25 -15.32
C LYS A 118 -39.84 -59.22 -14.20
N ASN A 119 -38.88 -59.52 -13.31
CA ASN A 119 -39.10 -60.43 -12.21
C ASN A 119 -38.04 -60.16 -11.14
N ILE A 120 -37.97 -61.05 -10.15
CA ILE A 120 -36.95 -60.95 -9.13
C ILE A 120 -35.59 -61.25 -9.75
N CYS A 121 -34.64 -60.35 -9.55
CA CYS A 121 -33.31 -60.48 -10.16
C CYS A 121 -32.56 -61.63 -9.50
N ASP A 122 -32.36 -62.71 -10.26
CA ASP A 122 -31.54 -63.84 -9.85
C ASP A 122 -30.34 -63.93 -10.78
N LYS A 123 -29.44 -64.88 -10.50
CA LYS A 123 -28.24 -65.00 -11.34
C LYS A 123 -28.53 -65.82 -12.59
N GLU A 124 -29.63 -65.52 -13.29
CA GLU A 124 -29.86 -66.06 -14.62
C GLU A 124 -30.46 -65.05 -15.59
N GLU A 125 -31.06 -63.95 -15.12
CA GLU A 125 -31.68 -62.96 -15.99
C GLU A 125 -31.41 -61.56 -15.46
N ALA A 126 -30.17 -61.29 -15.07
CA ALA A 126 -29.83 -60.02 -14.44
C ALA A 126 -30.00 -58.87 -15.43
N CYS A 127 -30.61 -57.79 -14.94
CA CYS A 127 -30.80 -56.59 -15.75
C CYS A 127 -29.46 -55.86 -15.91
N PRO A 128 -29.37 -54.96 -16.90
CA PRO A 128 -28.09 -54.25 -17.11
C PRO A 128 -27.58 -53.51 -15.88
N PHE A 129 -28.48 -52.92 -15.09
CA PHE A 129 -28.05 -52.28 -13.85
C PHE A 129 -27.39 -53.28 -12.92
N CYS A 130 -27.95 -54.48 -12.80
CA CYS A 130 -27.34 -55.52 -11.99
C CYS A 130 -26.04 -56.01 -12.61
N ILE A 131 -25.90 -55.94 -13.94
CA ILE A 131 -24.66 -56.35 -14.59
C ILE A 131 -23.54 -55.39 -14.24
N LEU A 132 -23.78 -54.08 -14.39
CA LEU A 132 -22.74 -53.10 -14.07
C LEU A 132 -22.49 -53.03 -12.57
N LEU A 133 -23.52 -53.27 -11.74
CA LEU A 133 -23.34 -53.21 -10.30
C LEU A 133 -22.56 -54.42 -9.77
N GLY A 134 -22.41 -55.47 -10.58
CA GLY A 134 -21.66 -56.64 -10.15
C GLY A 134 -22.29 -57.40 -9.01
N ARG A 135 -23.62 -57.57 -9.05
CA ARG A 135 -24.31 -58.25 -7.96
C ARG A 135 -24.12 -59.76 -8.05
N PHE A 136 -24.57 -60.37 -9.14
CA PHE A 136 -24.56 -61.82 -9.29
C PHE A 136 -23.30 -62.30 -10.00
N ASP A 137 -22.15 -61.91 -9.48
CA ASP A 137 -20.86 -62.32 -10.03
C ASP A 137 -20.28 -63.47 -9.20
N ASN A 138 -19.12 -63.96 -9.65
CA ASN A 138 -18.47 -65.05 -8.94
C ASN A 138 -17.56 -64.55 -7.83
N ALA A 139 -17.07 -63.31 -7.94
CA ALA A 139 -16.15 -62.74 -6.96
C ALA A 139 -16.81 -61.56 -6.26
N GLY A 140 -16.55 -61.43 -4.97
CA GLY A 140 -17.11 -60.35 -4.19
C GLY A 140 -16.07 -59.54 -3.44
N LYS A 141 -16.24 -59.42 -2.13
CA LYS A 141 -15.33 -58.65 -1.29
C LYS A 141 -14.23 -59.50 -0.68
N VAL A 142 -14.17 -60.80 -1.00
CA VAL A 142 -13.17 -61.68 -0.41
C VAL A 142 -11.76 -61.23 -0.81
N HIS A 143 -11.47 -61.28 -2.10
CA HIS A 143 -10.17 -60.88 -2.63
C HIS A 143 -10.29 -60.84 -4.15
N GLU A 144 -9.20 -60.42 -4.80
CA GLU A 144 -9.17 -60.42 -6.27
C GLU A 144 -9.24 -61.84 -6.80
N ARG A 145 -8.44 -62.74 -6.23
CA ARG A 145 -8.35 -64.13 -6.69
C ARG A 145 -8.05 -64.20 -8.18
N ASN A 146 -9.09 -64.39 -8.99
CA ASN A 146 -8.98 -64.41 -10.44
C ASN A 146 -9.96 -63.41 -11.03
N LYS A 147 -9.87 -63.22 -12.35
CA LYS A 147 -10.75 -62.31 -13.06
C LYS A 147 -12.09 -63.01 -13.34
N ASP A 148 -12.84 -63.21 -12.25
CA ASP A 148 -14.17 -63.77 -12.31
C ASP A 148 -15.26 -62.71 -12.38
N TYR A 149 -14.88 -61.44 -12.35
CA TYR A 149 -15.86 -60.35 -12.36
C TYR A 149 -16.54 -60.25 -13.72
N ASP A 150 -17.87 -60.17 -13.71
CA ASP A 150 -18.57 -59.84 -14.95
C ASP A 150 -18.24 -58.42 -15.40
N ILE A 151 -18.17 -57.48 -14.44
CA ILE A 151 -17.67 -56.13 -14.68
C ILE A 151 -16.46 -55.93 -13.78
N HIS A 152 -15.36 -55.44 -14.36
CA HIS A 152 -14.12 -55.30 -13.63
C HIS A 152 -13.43 -54.01 -14.06
N PHE A 153 -13.02 -53.21 -13.09
CA PHE A 153 -12.31 -51.96 -13.32
C PHE A 153 -10.89 -52.09 -12.80
N SER A 154 -9.92 -51.82 -13.67
CA SER A 154 -8.52 -51.90 -13.30
C SER A 154 -8.00 -50.52 -12.88
N ASN A 155 -6.79 -50.50 -12.31
CA ASN A 155 -6.20 -49.24 -11.90
C ASN A 155 -5.96 -48.34 -13.10
N PHE A 156 -6.15 -47.05 -12.89
CA PHE A 156 -5.94 -46.05 -13.94
C PHE A 156 -4.56 -45.44 -13.71
N ASP A 157 -3.55 -46.09 -14.28
CA ASP A 157 -2.17 -45.61 -14.15
C ASP A 157 -1.98 -44.36 -15.00
N LEU A 158 -0.79 -43.78 -14.90
CA LEU A 158 -0.44 -42.61 -15.68
C LEU A 158 -0.08 -43.06 -17.10
N ASP A 159 0.49 -42.18 -17.90
CA ASP A 159 0.74 -42.46 -19.32
C ASP A 159 2.17 -42.03 -19.63
N HIS A 160 2.48 -41.94 -20.93
CA HIS A 160 3.83 -41.60 -21.38
C HIS A 160 4.37 -40.34 -20.72
N LYS A 161 3.51 -39.49 -20.16
CA LYS A 161 3.99 -38.34 -19.40
C LYS A 161 4.86 -38.76 -18.24
N GLN A 162 4.65 -39.97 -17.70
CA GLN A 162 5.52 -40.47 -16.64
C GLN A 162 6.94 -40.70 -17.15
N GLU A 163 7.08 -41.25 -18.36
CA GLU A 163 8.36 -41.52 -19.00
C GLU A 163 9.20 -42.51 -18.20
N LYS A 164 10.36 -42.89 -18.74
CA LYS A 164 11.25 -43.84 -18.08
C LYS A 164 12.31 -43.09 -17.27
N ASN A 165 11.82 -42.29 -16.32
CA ASN A 165 12.70 -41.48 -15.48
C ASN A 165 12.32 -41.48 -14.01
N ASP A 166 11.25 -42.18 -13.61
CA ASP A 166 10.80 -42.21 -12.21
C ASP A 166 10.51 -40.79 -11.70
N LEU A 167 9.49 -40.20 -12.30
CA LEU A 167 9.18 -38.79 -12.09
C LEU A 167 9.01 -38.49 -10.60
N ARG A 168 9.60 -37.37 -10.18
CA ARG A 168 9.53 -36.94 -8.79
C ARG A 168 8.20 -36.25 -8.52
N LEU A 169 7.78 -36.30 -7.26
CA LEU A 169 6.49 -35.70 -6.89
C LEU A 169 6.53 -34.19 -7.06
N VAL A 170 7.68 -33.56 -6.86
CA VAL A 170 7.79 -32.11 -6.98
C VAL A 170 7.47 -31.67 -8.41
N ASP A 171 7.75 -32.52 -9.39
CA ASP A 171 7.51 -32.18 -10.79
C ASP A 171 6.05 -32.33 -11.20
N ILE A 172 5.21 -32.98 -10.40
CA ILE A 172 3.83 -33.25 -10.77
C ILE A 172 2.85 -32.51 -9.87
N ALA A 173 3.15 -32.40 -8.57
CA ALA A 173 2.20 -31.87 -7.61
C ALA A 173 2.80 -30.69 -6.87
N SER A 174 1.92 -29.83 -6.35
CA SER A 174 2.31 -28.66 -5.58
C SER A 174 1.32 -28.49 -4.43
N GLY A 175 1.82 -28.55 -3.20
CA GLY A 175 0.94 -28.46 -2.04
C GLY A 175 0.27 -27.11 -1.93
N ARG A 176 -0.96 -27.14 -1.40
CA ARG A 176 -1.73 -25.92 -1.20
C ARG A 176 -2.57 -26.09 0.05
N ILE A 177 -2.98 -24.95 0.63
CA ILE A 177 -3.73 -24.92 1.88
C ILE A 177 -5.08 -24.26 1.60
N LEU A 178 -6.15 -24.87 2.09
CA LEU A 178 -7.51 -24.39 1.88
C LEU A 178 -8.19 -24.22 3.23
N ASN A 179 -9.08 -23.23 3.32
CA ASN A 179 -9.69 -22.83 4.57
C ASN A 179 -11.15 -23.25 4.67
N ARG A 180 -11.71 -23.03 5.86
CA ARG A 180 -13.15 -23.00 6.08
C ARG A 180 -13.43 -21.66 6.77
N VAL A 181 -13.85 -20.68 5.99
CA VAL A 181 -14.02 -19.32 6.50
C VAL A 181 -15.37 -19.20 7.19
N ASP A 182 -15.36 -18.67 8.41
CA ASP A 182 -16.59 -18.47 9.16
C ASP A 182 -17.40 -17.33 8.54
N PHE A 183 -18.69 -17.57 8.32
CA PHE A 183 -19.51 -16.58 7.64
C PHE A 183 -19.85 -15.41 8.56
N ASP A 184 -20.20 -15.69 9.82
CA ASP A 184 -20.68 -14.65 10.71
C ASP A 184 -19.57 -13.70 11.16
N THR A 185 -18.32 -14.13 11.15
CA THR A 185 -17.21 -13.30 11.58
C THR A 185 -16.29 -12.89 10.43
N GLY A 186 -15.81 -13.85 9.66
CA GLY A 186 -14.89 -13.58 8.55
C GLY A 186 -13.51 -14.17 8.73
N LYS A 187 -13.20 -14.79 9.85
CA LYS A 187 -11.89 -15.39 10.10
C LYS A 187 -12.00 -16.90 9.94
N ALA A 188 -11.03 -17.49 9.23
CA ALA A 188 -11.07 -18.91 8.94
C ALA A 188 -11.01 -19.74 10.22
N LYS A 189 -11.92 -20.71 10.34
CA LYS A 189 -11.94 -21.57 11.51
C LYS A 189 -10.74 -22.52 11.53
N ASP A 190 -10.47 -23.18 10.40
CA ASP A 190 -9.39 -24.14 10.31
C ASP A 190 -9.06 -24.38 8.85
N TYR A 191 -7.90 -24.98 8.61
CA TYR A 191 -7.40 -25.22 7.27
C TYR A 191 -7.00 -26.68 7.10
N PHE A 192 -6.65 -27.04 5.87
CA PHE A 192 -6.17 -28.38 5.58
C PHE A 192 -5.33 -28.33 4.30
N ARG A 193 -4.40 -29.27 4.20
CA ARG A 193 -3.46 -29.32 3.09
C ARG A 193 -3.91 -30.32 2.04
N THR A 194 -3.40 -30.12 0.82
CA THR A 194 -3.65 -31.05 -0.28
C THR A 194 -2.58 -30.84 -1.33
N TRP A 195 -2.41 -31.84 -2.20
CA TRP A 195 -1.48 -31.77 -3.32
C TRP A 195 -2.29 -31.58 -4.59
N GLU A 196 -2.03 -30.49 -5.31
CA GLU A 196 -2.78 -30.13 -6.51
C GLU A 196 -1.91 -30.38 -7.72
N ALA A 197 -2.11 -31.53 -8.36
CA ALA A 197 -1.38 -31.86 -9.57
C ALA A 197 -1.83 -30.96 -10.73
N ASP A 198 -1.00 -30.90 -11.77
CA ASP A 198 -1.29 -30.08 -12.94
C ASP A 198 -1.89 -30.95 -14.03
N TYR A 199 -2.85 -30.37 -14.75
CA TYR A 199 -3.53 -31.07 -15.84
C TYR A 199 -2.87 -30.87 -17.19
N GLU A 200 -1.88 -29.98 -17.29
CA GLU A 200 -1.26 -29.70 -18.58
C GLU A 200 -0.38 -30.85 -19.04
N THR A 201 0.44 -31.39 -18.13
CA THR A 201 1.42 -32.41 -18.48
C THR A 201 1.02 -33.80 -18.01
N TYR A 202 0.55 -33.94 -16.77
CA TYR A 202 0.24 -35.24 -16.18
C TYR A 202 -1.24 -35.39 -15.91
N GLY A 203 -2.08 -34.98 -16.86
CA GLY A 203 -3.52 -35.02 -16.70
C GLY A 203 -4.23 -36.14 -17.44
N THR A 204 -3.51 -37.17 -17.89
CA THR A 204 -4.11 -38.25 -18.65
C THR A 204 -3.80 -39.58 -17.99
N TYR A 205 -4.85 -40.38 -17.73
CA TYR A 205 -4.71 -41.68 -17.11
C TYR A 205 -5.38 -42.73 -17.98
N THR A 206 -4.72 -43.89 -18.11
CA THR A 206 -5.20 -44.99 -18.94
C THR A 206 -5.56 -46.17 -18.07
N GLY A 207 -6.67 -46.84 -18.42
CA GLY A 207 -7.14 -48.00 -17.68
C GLY A 207 -7.90 -48.92 -18.59
N ARG A 208 -8.36 -50.03 -18.01
CA ARG A 208 -9.12 -51.03 -18.75
C ARG A 208 -10.38 -51.41 -17.98
N ILE A 209 -11.42 -51.77 -18.73
CA ILE A 209 -12.68 -52.25 -18.17
C ILE A 209 -13.03 -53.55 -18.86
N THR A 210 -13.25 -54.61 -18.09
CA THR A 210 -13.51 -55.94 -18.62
C THR A 210 -14.98 -56.29 -18.43
N LEU A 211 -15.64 -56.66 -19.53
CA LEU A 211 -17.02 -57.11 -19.51
C LEU A 211 -17.09 -58.58 -19.91
N ARG A 212 -17.73 -59.39 -19.08
CA ARG A 212 -18.05 -60.77 -19.44
C ARG A 212 -19.46 -60.93 -19.98
N ASN A 213 -20.37 -60.03 -19.62
CA ASN A 213 -21.74 -60.03 -20.11
C ASN A 213 -21.93 -58.81 -21.01
N GLU A 214 -22.43 -59.04 -22.22
CA GLU A 214 -22.61 -57.97 -23.20
C GLU A 214 -24.00 -57.35 -23.15
N HIS A 215 -24.82 -57.73 -22.17
CA HIS A 215 -26.17 -57.20 -22.08
C HIS A 215 -26.21 -55.73 -21.67
N ALA A 216 -25.11 -55.21 -21.11
CA ALA A 216 -25.08 -53.85 -20.58
C ALA A 216 -23.96 -53.01 -21.19
N LYS A 217 -23.47 -53.38 -22.38
CA LYS A 217 -22.41 -52.61 -23.02
C LYS A 217 -22.86 -51.19 -23.31
N LYS A 218 -24.07 -51.02 -23.85
CA LYS A 218 -24.57 -49.69 -24.16
C LYS A 218 -24.71 -48.84 -22.92
N LEU A 219 -25.25 -49.42 -21.84
CA LEU A 219 -25.40 -48.67 -20.60
C LEU A 219 -24.04 -48.28 -20.02
N LEU A 220 -23.07 -49.18 -20.07
CA LEU A 220 -21.73 -48.85 -19.55
C LEU A 220 -21.09 -47.73 -20.37
N LEU A 221 -21.21 -47.79 -21.70
CA LEU A 221 -20.65 -46.73 -22.52
C LEU A 221 -21.33 -45.40 -22.27
N ALA A 222 -22.67 -45.41 -22.12
CA ALA A 222 -23.38 -44.18 -21.82
C ALA A 222 -22.95 -43.60 -20.47
N SER A 223 -22.77 -44.47 -19.47
CA SER A 223 -22.30 -44.01 -18.17
C SER A 223 -20.90 -43.42 -18.28
N LEU A 224 -20.03 -44.06 -19.05
CA LEU A 224 -18.68 -43.52 -19.25
C LEU A 224 -18.75 -42.14 -19.88
N GLY A 225 -19.66 -41.95 -20.83
CA GLY A 225 -19.87 -40.63 -21.40
C GLY A 225 -20.40 -39.63 -20.40
N PHE A 226 -21.25 -40.07 -19.48
CA PHE A 226 -21.92 -39.18 -18.55
C PHE A 226 -21.05 -38.75 -17.38
N VAL A 227 -19.91 -39.38 -17.15
CA VAL A 227 -19.06 -39.03 -16.02
C VAL A 227 -18.46 -37.65 -16.25
N ASP A 228 -18.63 -36.75 -15.28
CA ASP A 228 -18.20 -35.37 -15.42
C ASP A 228 -17.05 -35.02 -14.49
N LYS A 229 -17.19 -35.25 -13.19
CA LYS A 229 -16.18 -34.89 -12.21
C LYS A 229 -15.52 -36.14 -11.65
N LEU A 230 -14.24 -36.01 -11.33
CA LEU A 230 -13.47 -37.11 -10.75
C LEU A 230 -12.20 -36.53 -10.14
N CYS A 231 -11.91 -36.89 -8.89
CA CYS A 231 -10.72 -36.43 -8.18
C CYS A 231 -10.68 -34.91 -8.07
N GLY A 232 -11.85 -34.27 -8.06
CA GLY A 232 -11.91 -32.82 -7.91
C GLY A 232 -11.68 -32.02 -9.17
N ALA A 233 -11.70 -32.66 -10.34
CA ALA A 233 -11.42 -31.96 -11.60
C ALA A 233 -12.38 -32.46 -12.67
N LEU A 234 -12.87 -31.54 -13.49
CA LEU A 234 -13.72 -31.91 -14.62
C LEU A 234 -12.93 -32.78 -15.60
N CYS A 235 -13.54 -33.88 -16.03
CA CYS A 235 -12.85 -34.85 -16.87
C CYS A 235 -13.80 -35.38 -17.93
N ARG A 236 -13.22 -35.87 -19.02
CA ARG A 236 -13.96 -36.57 -20.06
C ARG A 236 -13.37 -37.97 -20.22
N ILE A 237 -14.22 -38.98 -20.16
CA ILE A 237 -13.81 -40.37 -20.31
C ILE A 237 -14.06 -40.79 -21.75
N GLU A 238 -13.02 -41.28 -22.41
CA GLU A 238 -13.10 -41.70 -23.80
C GLU A 238 -12.59 -43.13 -23.93
N VAL A 239 -13.12 -43.86 -24.90
CA VAL A 239 -12.73 -45.23 -25.18
C VAL A 239 -11.83 -45.24 -26.42
N ILE A 240 -10.64 -45.80 -26.27
CA ILE A 240 -9.68 -45.85 -27.37
C ILE A 240 -9.43 -47.29 -27.80
N HIS A 269 19.92 -24.09 -9.32
CA HIS A 269 21.05 -23.37 -8.76
C HIS A 269 20.66 -22.69 -7.45
N ASN A 270 19.71 -23.29 -6.73
CA ASN A 270 19.23 -22.70 -5.49
C ASN A 270 20.30 -22.72 -4.40
N ASP A 271 21.15 -23.75 -4.38
CA ASP A 271 22.17 -23.86 -3.34
C ASP A 271 23.20 -22.75 -3.46
N GLU A 272 23.70 -22.51 -4.68
CA GLU A 272 24.69 -21.45 -4.88
C GLU A 272 24.09 -20.08 -4.60
N LEU A 273 22.83 -19.86 -5.02
CA LEU A 273 22.17 -18.61 -4.73
C LEU A 273 22.00 -18.41 -3.23
N ARG A 274 21.65 -19.47 -2.51
CA ARG A 274 21.53 -19.37 -1.05
C ARG A 274 22.88 -19.04 -0.41
N LYS A 275 23.95 -19.69 -0.87
CA LYS A 275 25.27 -19.41 -0.32
C LYS A 275 25.68 -17.96 -0.58
N GLN A 276 25.44 -17.47 -1.79
CA GLN A 276 25.78 -16.09 -2.10
C GLN A 276 24.92 -15.11 -1.31
N ALA A 277 23.64 -15.45 -1.11
CA ALA A 277 22.76 -14.60 -0.32
C ALA A 277 23.23 -14.52 1.13
N GLU A 278 23.65 -15.65 1.70
CA GLU A 278 24.13 -15.62 3.08
C GLU A 278 25.48 -14.91 3.18
N VAL A 279 26.32 -15.00 2.15
CA VAL A 279 27.54 -14.20 2.13
C VAL A 279 27.21 -12.72 2.10
N ILE A 280 26.23 -12.32 1.29
CA ILE A 280 25.81 -10.92 1.24
C ILE A 280 25.28 -10.47 2.60
N VAL A 281 24.48 -11.32 3.25
CA VAL A 281 23.93 -10.98 4.56
C VAL A 281 25.03 -10.83 5.59
N GLU A 282 26.03 -11.72 5.56
CA GLU A 282 27.15 -11.61 6.47
C GLU A 282 27.94 -10.33 6.23
N ALA A 283 28.16 -9.98 4.96
CA ALA A 283 28.87 -8.75 4.65
C ALA A 283 28.11 -7.53 5.13
N PHE A 284 26.78 -7.53 4.98
CA PHE A 284 25.97 -6.44 5.49
C PHE A 284 26.04 -6.37 7.01
N LYS A 285 26.04 -7.52 7.68
CA LYS A 285 26.14 -7.54 9.14
C LYS A 285 27.49 -7.03 9.61
N GLN A 286 28.55 -7.24 8.82
CA GLN A 286 29.85 -6.69 9.17
C GLN A 286 29.84 -5.17 9.19
N ASN A 287 28.92 -4.55 8.46
CA ASN A 287 28.79 -3.10 8.43
C ASN A 287 27.69 -2.59 9.35
N ASP A 288 27.11 -3.46 10.18
CA ASP A 288 25.99 -3.11 11.05
C ASP A 288 24.84 -2.50 10.25
N LYS A 289 24.44 -3.23 9.21
CA LYS A 289 23.36 -2.80 8.33
C LYS A 289 22.43 -3.96 8.02
N LEU A 290 22.09 -4.73 9.05
CA LEU A 290 21.26 -5.92 8.84
C LEU A 290 19.83 -5.55 8.45
N GLU A 291 19.31 -4.42 8.95
CA GLU A 291 17.95 -4.01 8.59
C GLU A 291 17.83 -3.72 7.10
N LYS A 292 18.92 -3.31 6.45
CA LYS A 292 18.91 -3.07 5.02
C LYS A 292 18.72 -4.34 4.20
N ILE A 293 18.89 -5.51 4.80
CA ILE A 293 18.75 -6.76 4.05
C ILE A 293 17.32 -6.94 3.57
N ARG A 294 16.34 -6.56 4.39
CA ARG A 294 14.94 -6.69 4.01
C ARG A 294 14.62 -5.85 2.77
N ILE A 295 15.02 -4.57 2.80
CA ILE A 295 14.74 -3.70 1.66
C ILE A 295 15.55 -4.12 0.44
N LEU A 296 16.77 -4.63 0.64
CA LEU A 296 17.54 -5.12 -0.50
C LEU A 296 16.86 -6.33 -1.14
N ALA A 297 16.37 -7.26 -0.32
CA ALA A 297 15.67 -8.43 -0.86
C ALA A 297 14.40 -8.01 -1.59
N ASP A 298 13.65 -7.07 -1.03
CA ASP A 298 12.45 -6.60 -1.70
C ASP A 298 12.77 -5.90 -3.01
N ALA A 299 13.84 -5.10 -3.04
CA ALA A 299 14.24 -4.44 -4.27
C ALA A 299 14.66 -5.45 -5.34
N ILE A 300 15.40 -6.48 -4.94
CA ILE A 300 15.80 -7.51 -5.90
C ILE A 300 14.58 -8.26 -6.43
N ARG A 301 13.61 -8.54 -5.54
CA ARG A 301 12.39 -9.19 -5.99
C ARG A 301 11.61 -8.32 -6.97
N THR A 302 11.50 -7.02 -6.67
CA THR A 302 10.79 -6.09 -7.55
C THR A 302 11.55 -5.86 -8.85
N LEU A 303 12.85 -6.15 -8.86
CA LEU A 303 13.68 -5.95 -10.04
C LEU A 303 13.29 -6.87 -11.20
N ARG A 304 12.47 -7.90 -10.94
CA ARG A 304 12.03 -8.77 -12.03
C ARG A 304 11.11 -8.05 -13.00
N LEU A 305 10.42 -7.01 -12.53
CA LEU A 305 9.57 -6.22 -13.43
C LEU A 305 10.42 -5.51 -14.49
N HIS A 306 11.56 -4.97 -14.10
CA HIS A 306 12.49 -4.38 -15.04
C HIS A 306 13.32 -5.47 -15.72
N GLY A 307 13.77 -5.18 -16.93
CA GLY A 307 14.51 -6.15 -17.70
C GLY A 307 15.91 -6.40 -17.14
N GLU A 308 16.58 -7.37 -17.75
CA GLU A 308 17.94 -7.72 -17.37
C GLU A 308 18.93 -6.61 -17.67
N GLY A 309 18.56 -5.64 -18.52
CA GLY A 309 19.45 -4.55 -18.84
C GLY A 309 19.75 -3.64 -17.67
N VAL A 310 18.94 -3.69 -16.61
CA VAL A 310 19.21 -2.89 -15.42
C VAL A 310 20.53 -3.30 -14.80
N ILE A 311 20.76 -4.60 -14.69
CA ILE A 311 22.02 -5.09 -14.15
C ILE A 311 23.08 -5.17 -15.25
N GLU A 312 22.69 -5.59 -16.45
CA GLU A 312 23.67 -5.75 -17.53
C GLU A 312 24.30 -4.41 -17.92
N LYS A 313 23.48 -3.35 -18.02
CA LYS A 313 23.95 -2.05 -18.46
C LYS A 313 24.18 -1.08 -17.30
N ASP A 314 24.10 -1.57 -16.05
CA ASP A 314 24.31 -0.74 -14.87
C ASP A 314 23.33 0.43 -14.84
N GLU A 315 22.04 0.10 -14.84
CA GLU A 315 20.98 1.09 -14.80
C GLU A 315 20.49 1.37 -13.38
N LEU A 316 21.12 0.80 -12.37
CA LEU A 316 20.74 1.07 -10.99
C LEU A 316 21.12 2.50 -10.62
N PRO A 317 20.45 3.07 -9.61
CA PRO A 317 20.76 4.46 -9.21
C PRO A 317 22.23 4.61 -8.83
N ASP A 318 22.80 5.75 -9.21
CA ASP A 318 24.22 6.02 -8.98
C ASP A 318 24.49 6.68 -7.63
N GLY A 319 23.45 7.05 -6.88
CA GLY A 319 23.63 7.68 -5.60
C GLY A 319 23.95 9.17 -5.72
N LYS A 320 24.00 9.82 -4.56
CA LYS A 320 24.27 11.26 -4.53
C LYS A 320 25.73 11.53 -4.85
N GLU A 321 25.96 12.46 -5.79
CA GLU A 321 27.33 12.83 -6.14
C GLU A 321 28.03 13.54 -4.98
N GLU A 322 27.30 14.41 -4.28
CA GLU A 322 27.88 15.15 -3.16
C GLU A 322 28.15 14.26 -1.96
N ARG A 323 27.51 13.08 -1.89
CA ARG A 323 27.75 12.17 -0.78
C ARG A 323 29.18 11.65 -0.78
N ASP A 324 29.73 11.38 -1.96
CA ASP A 324 31.08 10.89 -2.20
C ASP A 324 31.28 9.46 -1.71
N LYS A 325 30.28 8.83 -1.10
CA LYS A 325 30.36 7.45 -0.66
C LYS A 325 29.51 6.53 -1.54
N GLY A 326 28.97 7.03 -2.64
CA GLY A 326 28.12 6.25 -3.50
C GLY A 326 26.72 6.08 -2.92
N HIS A 327 25.95 5.22 -3.58
CA HIS A 327 24.60 4.93 -3.13
C HIS A 327 24.64 4.28 -1.75
N HIS A 328 23.65 4.59 -0.92
CA HIS A 328 23.64 4.08 0.45
C HIS A 328 23.42 2.58 0.52
N LEU A 329 22.88 1.97 -0.52
CA LEU A 329 22.63 0.53 -0.54
C LEU A 329 23.41 -0.19 -1.63
N TRP A 330 23.31 0.26 -2.88
CA TRP A 330 23.91 -0.46 -3.99
C TRP A 330 25.44 -0.36 -4.01
N ASP A 331 26.03 0.49 -3.19
CA ASP A 331 27.47 0.67 -3.15
C ASP A 331 28.12 0.05 -1.92
N ILE A 332 27.39 -0.77 -1.16
CA ILE A 332 27.95 -1.41 0.01
C ILE A 332 28.96 -2.47 -0.42
N LYS A 333 30.13 -2.45 0.21
CA LYS A 333 31.22 -3.36 -0.16
C LYS A 333 30.92 -4.75 0.38
N VAL A 334 30.71 -5.70 -0.53
CA VAL A 334 30.48 -7.09 -0.19
C VAL A 334 31.79 -7.84 -0.43
N GLN A 335 32.39 -8.33 0.66
CA GLN A 335 33.69 -9.03 0.64
C GLN A 335 34.73 -8.27 -0.19
N GLY A 336 34.60 -6.96 -0.25
CA GLY A 336 35.56 -6.13 -0.97
C GLY A 336 35.12 -5.66 -2.34
N THR A 337 33.86 -5.88 -2.72
CA THR A 337 33.37 -5.47 -4.03
C THR A 337 32.01 -4.80 -3.86
N ALA A 338 31.73 -3.85 -4.75
CA ALA A 338 30.46 -3.13 -4.69
C ALA A 338 29.29 -4.07 -4.92
N LEU A 339 28.15 -3.72 -4.32
CA LEU A 339 26.97 -4.59 -4.42
C LEU A 339 26.47 -4.71 -5.86
N ARG A 340 26.53 -3.61 -6.62
CA ARG A 340 26.11 -3.67 -8.02
C ARG A 340 27.00 -4.61 -8.83
N THR A 341 28.32 -4.56 -8.58
CA THR A 341 29.22 -5.47 -9.29
C THR A 341 28.99 -6.92 -8.84
N LYS A 342 28.70 -7.13 -7.56
CA LYS A 342 28.40 -8.46 -7.09
C LYS A 342 27.14 -9.02 -7.75
N LEU A 343 26.12 -8.18 -7.89
CA LEU A 343 24.90 -8.61 -8.58
C LEU A 343 25.17 -8.90 -10.05
N LYS A 344 26.01 -8.08 -10.69
CA LYS A 344 26.37 -8.34 -12.08
C LYS A 344 27.10 -9.66 -12.23
N GLU A 345 28.03 -9.95 -11.33
CA GLU A 345 28.74 -11.22 -11.37
C GLU A 345 27.79 -12.40 -11.11
N LEU A 346 26.86 -12.23 -10.17
CA LEU A 346 25.89 -13.29 -9.91
C LEU A 346 25.02 -13.55 -11.12
N TRP A 347 24.60 -12.49 -11.82
CA TRP A 347 23.82 -12.67 -13.03
C TRP A 347 24.63 -13.38 -14.11
N GLN A 348 25.88 -12.95 -14.31
CA GLN A 348 26.71 -13.60 -15.31
C GLN A 348 27.00 -15.05 -14.97
N SER A 349 26.91 -15.43 -13.70
CA SER A 349 27.15 -16.81 -13.31
C SER A 349 25.89 -17.67 -13.26
N ASN A 350 24.71 -17.05 -13.09
CA ASN A 350 23.48 -17.82 -12.93
C ASN A 350 22.38 -17.35 -13.90
N LYS A 351 22.77 -16.84 -15.06
CA LYS A 351 21.78 -16.52 -16.10
C LYS A 351 21.16 -17.75 -16.74
N ASP A 352 21.66 -18.95 -16.44
CA ASP A 352 21.14 -20.16 -17.05
C ASP A 352 19.70 -20.48 -16.65
N ILE A 353 19.17 -19.83 -15.62
CA ILE A 353 17.82 -20.13 -15.15
C ILE A 353 16.90 -18.94 -15.38
N GLY A 354 17.22 -18.11 -16.36
CA GLY A 354 16.40 -16.96 -16.67
C GLY A 354 16.60 -15.82 -15.70
N TRP A 355 15.89 -14.72 -15.97
CA TRP A 355 16.01 -13.51 -15.18
C TRP A 355 14.97 -13.42 -14.07
N ARG A 356 13.70 -13.70 -14.38
CA ARG A 356 12.67 -13.64 -13.36
C ARG A 356 12.93 -14.66 -12.25
N LYS A 357 13.30 -15.89 -12.62
CA LYS A 357 13.56 -16.92 -11.63
C LYS A 357 14.77 -16.57 -10.78
N PHE A 358 15.81 -16.01 -11.39
CA PHE A 358 17.01 -15.64 -10.65
C PHE A 358 16.71 -14.58 -9.59
N THR A 359 16.00 -13.52 -9.99
CA THR A 359 15.67 -12.47 -9.05
C THR A 359 14.73 -12.98 -7.95
N GLU A 360 13.75 -13.81 -8.34
CA GLU A 360 12.83 -14.35 -7.34
C GLU A 360 13.57 -15.22 -6.32
N MET A 361 14.47 -16.08 -6.79
CA MET A 361 15.22 -16.93 -5.88
C MET A 361 16.15 -16.12 -4.99
N LEU A 362 16.82 -15.10 -5.55
CA LEU A 362 17.71 -14.29 -4.74
C LEU A 362 16.94 -13.53 -3.66
N GLY A 363 15.80 -12.93 -4.04
CA GLY A 363 15.00 -12.24 -3.04
C GLY A 363 14.46 -13.16 -1.97
N SER A 364 13.99 -14.35 -2.38
CA SER A 364 13.48 -15.31 -1.41
C SER A 364 14.57 -15.77 -0.45
N ASN A 365 15.77 -16.04 -0.98
CA ASN A 365 16.86 -16.49 -0.12
C ASN A 365 17.30 -15.39 0.84
N LEU A 366 17.40 -14.15 0.36
CA LEU A 366 17.76 -13.06 1.25
C LEU A 366 16.72 -12.85 2.34
N TYR A 367 15.43 -12.92 1.97
CA TYR A 367 14.38 -12.77 2.96
C TYR A 367 14.40 -13.90 3.98
N LEU A 368 14.64 -15.14 3.52
CA LEU A 368 14.69 -16.26 4.45
C LEU A 368 15.86 -16.13 5.41
N ILE A 369 17.03 -15.72 4.91
CA ILE A 369 18.18 -15.53 5.80
C ILE A 369 17.91 -14.41 6.79
N TYR A 370 17.28 -13.32 6.33
CA TYR A 370 16.94 -12.22 7.24
C TYR A 370 15.98 -12.69 8.32
N LYS A 371 14.97 -13.47 7.95
CA LYS A 371 14.01 -13.97 8.93
C LYS A 371 14.67 -14.90 9.92
N LYS A 372 15.59 -15.76 9.44
CA LYS A 372 16.31 -16.65 10.34
C LYS A 372 17.16 -15.87 11.33
N GLU A 373 17.83 -14.81 10.85
CA GLU A 373 18.59 -13.95 11.75
C GLU A 373 17.70 -13.09 12.64
N THR A 374 16.40 -12.99 12.29
CA THR A 374 15.39 -12.22 13.02
C THR A 374 15.91 -10.89 13.57
N ASP A 386 -3.78 -21.05 13.03
CA ASP A 386 -5.12 -21.64 13.05
C ASP A 386 -5.08 -23.07 13.58
N THR A 387 -5.69 -23.98 12.82
CA THR A 387 -5.79 -25.37 13.22
C THR A 387 -5.96 -26.23 11.98
N GLU A 388 -5.35 -27.40 11.98
CA GLU A 388 -5.53 -28.37 10.91
C GLU A 388 -6.62 -29.35 11.32
N TYR A 389 -7.68 -29.44 10.52
CA TYR A 389 -8.82 -30.30 10.82
C TYR A 389 -9.26 -30.95 9.51
N TYR A 390 -8.84 -32.20 9.30
CA TYR A 390 -9.17 -32.93 8.08
C TYR A 390 -10.48 -33.70 8.22
N SER A 391 -11.52 -32.95 8.60
CA SER A 391 -12.90 -33.44 8.65
C SER A 391 -12.95 -34.64 9.60
N LYS A 392 -13.68 -35.70 9.25
CA LYS A 392 -13.80 -36.89 10.07
C LYS A 392 -13.85 -38.10 9.14
N ALA A 393 -14.23 -39.25 9.71
CA ALA A 393 -14.34 -40.48 8.93
C ALA A 393 -15.79 -40.94 8.83
N SER A 399 -24.37 -44.89 11.31
CA SER A 399 -25.74 -44.71 10.85
C SER A 399 -26.19 -45.89 9.99
N ASP A 400 -25.54 -46.05 8.84
CA ASP A 400 -25.86 -47.12 7.89
C ASP A 400 -27.34 -47.08 7.50
N LEU A 401 -27.73 -45.96 6.90
CA LEU A 401 -29.12 -45.70 6.53
C LEU A 401 -29.24 -45.64 5.02
N PHE A 402 -30.20 -46.38 4.47
CA PHE A 402 -30.50 -46.36 3.05
C PHE A 402 -31.57 -45.28 2.81
N ILE A 403 -31.26 -44.34 1.93
CA ILE A 403 -32.12 -43.18 1.73
C ILE A 403 -32.52 -43.06 0.26
N PRO A 404 -33.48 -43.87 -0.21
CA PRO A 404 -33.93 -43.73 -1.60
C PRO A 404 -34.64 -42.41 -1.83
N VAL A 405 -34.49 -41.89 -3.05
CA VAL A 405 -35.15 -40.66 -3.48
C VAL A 405 -35.80 -40.94 -4.82
N THR A 406 -37.12 -40.75 -4.89
CA THR A 406 -37.85 -40.96 -6.13
C THR A 406 -38.40 -39.64 -6.65
N PRO A 407 -37.83 -39.08 -7.72
CA PRO A 407 -38.37 -37.84 -8.25
C PRO A 407 -39.78 -38.03 -8.76
N PRO A 408 -40.63 -37.00 -8.69
CA PRO A 408 -42.00 -37.13 -9.15
C PRO A 408 -42.07 -37.45 -10.64
N GLU A 409 -43.08 -38.25 -11.00
CA GLU A 409 -43.26 -38.61 -12.40
C GLU A 409 -43.74 -37.41 -13.21
N GLY A 410 -43.22 -37.30 -14.44
CA GLY A 410 -43.59 -36.22 -15.32
C GLY A 410 -42.74 -34.98 -15.22
N ILE A 411 -41.86 -34.89 -14.23
CA ILE A 411 -40.98 -33.74 -14.11
C ILE A 411 -39.81 -33.87 -15.09
N GLU A 412 -39.24 -32.73 -15.47
CA GLU A 412 -38.13 -32.68 -16.40
C GLU A 412 -36.90 -32.11 -15.72
N THR A 413 -35.74 -32.65 -16.11
CA THR A 413 -34.45 -32.23 -15.56
C THR A 413 -33.63 -31.61 -16.68
N LYS A 414 -33.08 -30.42 -16.41
CA LYS A 414 -32.30 -29.68 -17.39
C LYS A 414 -31.03 -29.16 -16.74
N GLU A 415 -29.99 -28.99 -17.56
CA GLU A 415 -28.70 -28.47 -17.10
C GLU A 415 -28.44 -27.12 -17.78
N TRP A 416 -28.04 -26.14 -16.98
CA TRP A 416 -27.77 -24.79 -17.45
C TRP A 416 -26.27 -24.53 -17.40
N ILE A 417 -25.75 -23.88 -18.44
CA ILE A 417 -24.34 -23.51 -18.53
C ILE A 417 -24.26 -21.99 -18.60
N ILE A 418 -23.47 -21.39 -17.71
CA ILE A 418 -23.27 -19.95 -17.67
C ILE A 418 -21.79 -19.69 -17.98
N VAL A 419 -21.54 -18.89 -19.01
CA VAL A 419 -20.18 -18.59 -19.44
C VAL A 419 -20.03 -17.07 -19.51
N GLY A 420 -18.87 -16.59 -19.08
CA GLY A 420 -18.61 -15.18 -19.08
C GLY A 420 -17.16 -14.89 -18.74
N ARG A 421 -16.90 -13.65 -18.34
CA ARG A 421 -15.56 -13.23 -17.96
C ARG A 421 -15.60 -12.54 -16.61
N LEU A 422 -14.65 -12.88 -15.75
CA LEU A 422 -14.54 -12.28 -14.41
C LEU A 422 -13.48 -11.18 -14.47
N LYS A 423 -13.85 -10.05 -15.06
CA LYS A 423 -12.93 -8.94 -15.21
C LYS A 423 -12.73 -8.27 -13.86
N ALA A 424 -11.48 -8.26 -13.39
CA ALA A 424 -11.18 -7.63 -12.11
C ALA A 424 -11.33 -6.12 -12.21
N ALA A 425 -11.87 -5.52 -11.15
CA ALA A 425 -12.01 -4.07 -11.07
C ALA A 425 -11.06 -3.43 -10.08
N THR A 426 -10.45 -4.22 -9.20
CA THR A 426 -9.44 -3.76 -8.25
C THR A 426 -8.31 -4.78 -8.24
N PRO A 427 -7.09 -4.36 -7.87
CA PRO A 427 -5.98 -5.32 -7.82
C PRO A 427 -6.27 -6.49 -6.88
N PHE A 428 -6.39 -7.69 -7.45
CA PHE A 428 -6.80 -8.85 -6.67
C PHE A 428 -5.61 -9.46 -5.94
N TYR A 429 -5.92 -10.41 -5.06
CA TYR A 429 -4.89 -11.11 -4.29
C TYR A 429 -5.46 -12.44 -3.83
N PHE A 430 -4.86 -13.54 -4.28
CA PHE A 430 -5.22 -14.89 -3.84
C PHE A 430 -4.02 -15.45 -3.09
N GLY A 431 -4.12 -15.49 -1.77
CA GLY A 431 -2.96 -15.83 -0.95
C GLY A 431 -2.55 -17.28 -1.11
N VAL A 432 -1.28 -17.52 -0.76
CA VAL A 432 -0.69 -18.85 -0.80
C VAL A 432 0.45 -18.88 0.19
N GLN A 433 0.71 -20.07 0.75
CA GLN A 433 1.80 -20.22 1.69
C GLN A 433 3.15 -20.06 0.98
N GLN A 434 4.21 -19.99 1.77
CA GLN A 434 5.54 -19.74 1.23
C GLN A 434 5.97 -20.92 0.35
N PRO A 435 6.51 -20.65 -0.85
CA PRO A 435 6.95 -21.77 -1.71
C PRO A 435 8.03 -22.62 -1.08
N SER A 436 8.89 -22.04 -0.23
CA SER A 436 9.89 -22.83 0.47
C SER A 436 9.28 -23.72 1.55
N ASP A 437 8.00 -23.52 1.88
CA ASP A 437 7.34 -24.32 2.90
C ASP A 437 6.39 -25.36 2.33
N SER A 438 5.92 -25.19 1.09
CA SER A 438 4.98 -26.14 0.50
C SER A 438 5.64 -27.52 0.36
N ILE A 439 6.64 -27.62 -0.51
CA ILE A 439 7.46 -28.81 -0.72
C ILE A 439 6.62 -30.07 -0.57
N PRO A 440 5.71 -30.36 -1.49
CA PRO A 440 4.81 -31.51 -1.31
C PRO A 440 5.57 -32.82 -1.19
N GLY A 441 5.44 -33.46 -0.02
CA GLY A 441 6.15 -34.70 0.25
C GLY A 441 7.11 -34.59 1.41
N LYS A 442 7.77 -33.44 1.54
CA LYS A 442 8.71 -33.18 2.62
C LYS A 442 8.16 -32.02 3.44
N GLU A 443 7.33 -32.35 4.43
CA GLU A 443 6.72 -31.37 5.33
C GLU A 443 7.17 -31.63 6.75
N LYS A 444 7.63 -30.59 7.44
CA LYS A 444 8.08 -30.72 8.81
C LYS A 444 6.89 -30.87 9.76
N LYS A 445 7.17 -31.32 10.98
CA LYS A 445 6.16 -31.52 12.00
C LYS A 445 6.24 -30.39 13.02
N SER A 446 5.10 -29.73 13.24
CA SER A 446 4.99 -28.61 14.18
C SER A 446 6.00 -27.51 13.88
N ASN A 453 6.97 -17.76 14.73
CA ASN A 453 7.69 -17.03 13.69
C ASN A 453 6.83 -16.84 12.46
N GLU A 454 5.83 -15.96 12.57
CA GLU A 454 4.95 -15.69 11.44
C GLU A 454 5.71 -14.98 10.33
N HIS A 455 5.41 -15.35 9.09
CA HIS A 455 6.07 -14.74 7.95
C HIS A 455 5.54 -13.33 7.72
N THR A 456 6.43 -12.42 7.34
CA THR A 456 6.07 -11.04 7.05
C THR A 456 6.05 -10.75 5.55
N SER A 457 6.04 -11.80 4.71
CA SER A 457 5.98 -11.63 3.26
C SER A 457 5.09 -12.73 2.70
N PHE A 458 4.05 -12.34 1.98
CA PHE A 458 3.06 -13.27 1.44
C PHE A 458 3.02 -13.16 -0.06
N ASN A 459 3.05 -14.30 -0.74
CA ASN A 459 3.07 -14.36 -2.19
C ASN A 459 1.64 -14.43 -2.72
N ILE A 460 1.50 -14.70 -4.02
CA ILE A 460 0.20 -14.81 -4.68
C ILE A 460 0.14 -16.15 -5.39
N LEU A 461 -1.09 -16.57 -5.73
CA LEU A 461 -1.32 -17.87 -6.34
C LEU A 461 -1.03 -17.78 -7.83
N LEU A 462 -0.04 -18.52 -8.29
CA LEU A 462 0.32 -18.59 -9.71
C LEU A 462 0.55 -20.05 -10.08
N ASP A 463 0.20 -20.40 -11.32
CA ASP A 463 0.36 -21.77 -11.78
C ASP A 463 1.78 -21.97 -12.28
N LYS A 464 2.03 -23.11 -12.94
CA LYS A 464 3.39 -23.46 -13.36
C LYS A 464 3.92 -22.53 -14.45
N GLU A 465 3.03 -21.84 -15.17
CA GLU A 465 3.43 -20.89 -16.20
C GLU A 465 3.40 -19.45 -15.73
N ASN A 466 3.25 -19.24 -14.41
CA ASN A 466 3.17 -17.92 -13.77
C ASN A 466 1.91 -17.16 -14.16
N ARG A 467 0.97 -17.79 -14.82
CA ARG A 467 -0.29 -17.13 -15.15
C ARG A 467 -1.13 -16.94 -13.89
N TYR A 468 -1.78 -15.78 -13.80
CA TYR A 468 -2.63 -15.51 -12.65
C TYR A 468 -3.79 -16.50 -12.61
N ARG A 469 -4.14 -16.94 -11.41
CA ARG A 469 -5.07 -18.05 -11.23
C ARG A 469 -6.16 -17.67 -10.25
N ILE A 470 -7.38 -18.06 -10.57
CA ILE A 470 -8.51 -18.03 -9.64
C ILE A 470 -8.96 -19.46 -9.40
N PRO A 471 -8.54 -20.06 -8.29
CA PRO A 471 -8.93 -21.45 -8.03
C PRO A 471 -10.43 -21.56 -7.82
N ARG A 472 -10.97 -22.70 -8.23
CA ARG A 472 -12.40 -22.92 -8.04
C ARG A 472 -12.79 -23.05 -6.58
N SER A 473 -11.82 -23.24 -5.69
CA SER A 473 -12.12 -23.25 -4.26
C SER A 473 -12.57 -21.88 -3.77
N ALA A 474 -11.80 -20.84 -4.10
CA ALA A 474 -12.19 -19.49 -3.69
C ALA A 474 -13.47 -19.04 -4.37
N LEU A 475 -13.62 -19.35 -5.66
CA LEU A 475 -14.83 -18.99 -6.37
C LEU A 475 -16.05 -19.70 -5.80
N ARG A 476 -15.91 -20.98 -5.47
CA ARG A 476 -17.01 -21.73 -4.87
C ARG A 476 -17.35 -21.19 -3.48
N GLY A 477 -16.34 -20.82 -2.70
CA GLY A 477 -16.61 -20.24 -1.38
C GLY A 477 -17.34 -18.91 -1.46
N ALA A 478 -16.91 -18.05 -2.39
CA ALA A 478 -17.59 -16.78 -2.57
C ALA A 478 -19.02 -16.97 -3.06
N LEU A 479 -19.22 -17.91 -3.98
CA LEU A 479 -20.57 -18.20 -4.44
C LEU A 479 -21.43 -18.75 -3.30
N ARG A 480 -20.84 -19.59 -2.45
CA ARG A 480 -21.57 -20.16 -1.33
C ARG A 480 -22.01 -19.08 -0.35
N ARG A 481 -21.11 -18.16 -0.02
CA ARG A 481 -21.50 -17.10 0.92
C ARG A 481 -22.48 -16.13 0.29
N ASP A 482 -22.35 -15.85 -1.02
CA ASP A 482 -23.33 -14.99 -1.67
C ASP A 482 -24.71 -15.65 -1.69
N LEU A 483 -24.76 -16.95 -1.95
CA LEU A 483 -26.02 -17.68 -1.89
C LEU A 483 -26.59 -17.66 -0.47
N ARG A 484 -25.72 -17.77 0.54
CA ARG A 484 -26.17 -17.71 1.92
C ARG A 484 -26.79 -16.35 2.23
N THR A 485 -26.17 -15.27 1.76
CA THR A 485 -26.74 -13.94 1.97
C THR A 485 -28.06 -13.78 1.23
N ALA A 486 -28.14 -14.27 -0.01
CA ALA A 486 -29.36 -14.12 -0.80
C ALA A 486 -30.51 -14.91 -0.19
N PHE A 487 -30.25 -16.14 0.26
CA PHE A 487 -31.29 -16.96 0.85
C PHE A 487 -31.73 -16.43 2.21
N GLY A 488 -30.81 -15.87 2.98
CA GLY A 488 -31.12 -15.44 4.33
C GLY A 488 -31.02 -16.51 5.39
N SER A 489 -30.57 -17.71 5.04
CA SER A 489 -30.44 -18.80 5.99
C SER A 489 -29.25 -19.66 5.56
N GLY A 490 -29.11 -20.82 6.19
CA GLY A 490 -28.00 -21.73 5.93
C GLY A 490 -27.28 -22.10 7.21
N CYS A 491 -26.28 -22.98 7.05
CA CYS A 491 -25.48 -23.43 8.17
C CYS A 491 -24.00 -23.21 7.85
N ASN A 492 -23.22 -22.99 8.90
CA ASN A 492 -21.78 -23.12 8.77
C ASN A 492 -21.45 -24.56 8.39
N VAL A 493 -20.60 -24.73 7.38
CA VAL A 493 -20.35 -26.07 6.84
C VAL A 493 -19.70 -26.93 7.92
N SER A 494 -20.37 -28.02 8.27
CA SER A 494 -19.89 -28.95 9.29
C SER A 494 -19.36 -30.20 8.61
N LEU A 495 -18.13 -30.58 8.97
CA LEU A 495 -17.44 -31.69 8.32
C LEU A 495 -17.66 -33.00 9.08
N GLY A 496 -17.69 -34.10 8.33
CA GLY A 496 -17.80 -35.42 8.91
C GLY A 496 -19.21 -35.87 9.24
N GLY A 497 -20.22 -35.09 8.88
CA GLY A 497 -21.59 -35.50 9.17
C GLY A 497 -21.98 -36.75 8.39
N GLN A 498 -22.83 -37.56 9.02
CA GLN A 498 -23.31 -38.79 8.39
C GLN A 498 -24.55 -38.60 7.54
N ILE A 499 -25.12 -37.38 7.52
CA ILE A 499 -26.31 -37.09 6.73
C ILE A 499 -26.09 -35.79 5.97
N LEU A 500 -26.87 -35.64 4.89
CA LEU A 500 -26.82 -34.42 4.10
C LEU A 500 -27.78 -33.40 4.70
N CYS A 501 -27.26 -32.25 5.09
CA CYS A 501 -28.12 -31.22 5.67
C CYS A 501 -29.07 -30.68 4.61
N ASN A 502 -30.30 -30.35 5.04
CA ASN A 502 -31.36 -29.91 4.14
C ASN A 502 -31.42 -28.40 4.01
N CYS A 503 -30.27 -27.74 4.10
CA CYS A 503 -30.21 -26.29 4.06
C CYS A 503 -30.61 -25.76 2.68
N LYS A 504 -31.19 -24.57 2.66
CA LYS A 504 -31.56 -23.93 1.40
C LYS A 504 -30.34 -23.64 0.53
N VAL A 505 -29.17 -23.49 1.13
CA VAL A 505 -27.95 -23.21 0.37
C VAL A 505 -27.22 -24.49 0.00
N CYS A 506 -27.03 -25.38 0.98
CA CYS A 506 -26.26 -26.61 0.74
C CYS A 506 -26.97 -27.55 -0.22
N ILE A 507 -28.29 -27.44 -0.36
CA ILE A 507 -28.99 -28.21 -1.39
C ILE A 507 -28.65 -27.66 -2.77
N GLU A 508 -28.63 -26.32 -2.91
CA GLU A 508 -28.33 -25.72 -4.20
C GLU A 508 -26.87 -25.90 -4.59
N MET A 509 -25.96 -25.96 -3.61
CA MET A 509 -24.54 -26.07 -3.91
C MET A 509 -24.11 -27.51 -4.18
N ARG A 510 -25.00 -28.48 -4.05
CA ARG A 510 -24.69 -29.86 -4.42
C ARG A 510 -24.92 -30.13 -5.90
N ARG A 511 -25.51 -29.19 -6.63
CA ARG A 511 -25.75 -29.33 -8.06
C ARG A 511 -25.05 -28.26 -8.88
N ILE A 512 -24.29 -27.37 -8.25
CA ILE A 512 -23.58 -26.29 -8.93
C ILE A 512 -22.12 -26.71 -9.07
N THR A 513 -21.61 -26.67 -10.30
CA THR A 513 -20.22 -26.98 -10.59
C THR A 513 -19.57 -25.80 -11.29
N LEU A 514 -18.41 -25.38 -10.81
CA LEU A 514 -17.65 -24.28 -11.38
C LEU A 514 -16.39 -24.84 -12.04
N LYS A 515 -15.54 -23.95 -12.53
CA LYS A 515 -14.33 -24.37 -13.21
C LYS A 515 -13.15 -23.51 -12.78
N ASP A 516 -12.00 -24.15 -12.59
CA ASP A 516 -10.77 -23.44 -12.32
C ASP A 516 -10.42 -22.54 -13.50
N SER A 517 -10.02 -21.30 -13.20
CA SER A 517 -9.76 -20.30 -14.23
C SER A 517 -8.36 -19.74 -14.06
N VAL A 518 -7.62 -19.66 -15.17
CA VAL A 518 -6.30 -19.07 -15.20
C VAL A 518 -6.27 -18.01 -16.30
N SER A 519 -5.69 -16.86 -15.99
CA SER A 519 -5.60 -15.79 -16.96
C SER A 519 -4.55 -16.12 -18.02
N ASP A 520 -4.59 -15.36 -19.11
CA ASP A 520 -3.60 -15.46 -20.18
C ASP A 520 -2.50 -14.42 -20.02
N PHE A 521 -2.19 -14.08 -18.77
CA PHE A 521 -1.21 -13.06 -18.44
C PHE A 521 -0.17 -13.64 -17.51
N SER A 522 1.11 -13.55 -17.89
CA SER A 522 2.19 -14.17 -17.13
C SER A 522 3.25 -13.16 -16.70
N GLU A 523 2.89 -11.89 -16.59
CA GLU A 523 3.83 -10.90 -16.10
C GLU A 523 3.91 -10.96 -14.58
N PRO A 524 5.05 -10.57 -14.00
CA PRO A 524 5.20 -10.67 -12.55
C PRO A 524 4.27 -9.70 -11.83
N PRO A 525 3.80 -10.06 -10.65
CA PRO A 525 2.89 -9.18 -9.91
C PRO A 525 3.63 -8.03 -9.25
N GLU A 526 2.87 -6.99 -8.95
CA GLU A 526 3.40 -5.83 -8.24
C GLU A 526 3.27 -6.04 -6.73
N ILE A 527 4.20 -5.45 -5.99
CA ILE A 527 4.27 -5.58 -4.55
C ILE A 527 3.67 -4.33 -3.91
N ARG A 528 2.78 -4.54 -2.94
CA ARG A 528 2.19 -3.44 -2.18
C ARG A 528 2.66 -3.50 -0.74
N TYR A 529 2.82 -2.34 -0.12
CA TYR A 529 3.43 -2.22 1.19
C TYR A 529 2.43 -1.75 2.23
N ARG A 530 2.54 -2.31 3.43
CA ARG A 530 1.75 -1.88 4.57
C ARG A 530 2.69 -1.57 5.73
N ILE A 531 2.36 -0.54 6.50
CA ILE A 531 3.14 -0.14 7.65
C ILE A 531 2.19 0.10 8.81
N ALA A 532 2.73 0.05 10.03
CA ALA A 532 1.95 0.22 11.25
C ALA A 532 2.43 1.50 11.94
N LYS A 533 1.64 2.55 11.84
CA LYS A 533 2.00 3.82 12.48
C LYS A 533 1.81 3.71 13.99
N ASN A 534 2.82 4.12 14.74
CA ASN A 534 2.73 4.12 16.19
C ASN A 534 1.77 5.22 16.63
N PRO A 535 0.66 4.89 17.29
CA PRO A 535 -0.28 5.94 17.67
C PRO A 535 0.30 6.97 18.63
N GLY A 536 1.22 6.57 19.50
CA GLY A 536 1.73 7.51 20.49
C GLY A 536 2.52 8.65 19.87
N THR A 537 3.42 8.33 18.94
CA THR A 537 4.32 9.31 18.35
C THR A 537 4.04 9.56 16.88
N ALA A 538 3.01 8.93 16.31
CA ALA A 538 2.64 9.11 14.90
C ALA A 538 3.81 8.80 13.98
N THR A 539 4.64 7.84 14.34
CA THR A 539 5.78 7.40 13.54
C THR A 539 5.61 5.93 13.20
N VAL A 540 6.54 5.42 12.40
CA VAL A 540 6.51 4.03 11.96
C VAL A 540 7.07 3.14 13.06
N GLU A 541 6.29 2.12 13.44
CA GLU A 541 6.76 1.14 14.40
C GLU A 541 7.88 0.31 13.79
N ASP A 542 8.96 0.13 14.53
CA ASP A 542 10.07 -0.69 14.05
C ASP A 542 9.65 -2.15 13.94
N GLY A 543 10.09 -2.79 12.87
CA GLY A 543 9.74 -4.19 12.65
C GLY A 543 8.26 -4.42 12.45
N SER A 544 7.60 -3.56 11.67
CA SER A 544 6.17 -3.66 11.38
C SER A 544 5.93 -3.49 9.89
N LEU A 545 6.73 -4.17 9.08
CA LEU A 545 6.68 -4.05 7.62
C LEU A 545 6.09 -5.30 7.02
N PHE A 546 5.13 -5.12 6.11
CA PHE A 546 4.51 -6.23 5.39
C PHE A 546 4.47 -5.89 3.91
N ASP A 547 4.48 -6.92 3.07
CA ASP A 547 4.43 -6.76 1.63
C ASP A 547 3.56 -7.84 1.02
N ILE A 548 2.62 -7.43 0.17
CA ILE A 548 1.66 -8.34 -0.45
C ILE A 548 1.81 -8.23 -1.96
N GLU A 549 1.99 -9.37 -2.63
CA GLU A 549 2.00 -9.40 -4.08
C GLU A 549 0.56 -9.41 -4.59
N VAL A 550 0.21 -8.42 -5.40
CA VAL A 550 -1.12 -8.33 -5.98
C VAL A 550 -1.00 -8.28 -7.50
N GLY A 551 -2.05 -8.75 -8.16
CA GLY A 551 -2.08 -8.73 -9.60
C GLY A 551 -2.55 -7.40 -10.14
N PRO A 552 -2.50 -7.23 -11.47
CA PRO A 552 -2.96 -5.97 -12.06
C PRO A 552 -4.48 -5.88 -12.03
N GLU A 553 -4.97 -4.67 -12.32
CA GLU A 553 -6.39 -4.38 -12.32
C GLU A 553 -6.88 -4.39 -13.77
N GLY A 554 -7.88 -5.23 -14.04
CA GLY A 554 -8.46 -5.32 -15.38
C GLY A 554 -8.27 -6.65 -16.07
N LEU A 555 -7.61 -7.62 -15.44
CA LEU A 555 -7.47 -8.93 -16.04
C LEU A 555 -8.84 -9.60 -16.18
N THR A 556 -8.98 -10.40 -17.23
CA THR A 556 -10.21 -11.13 -17.51
C THR A 556 -9.94 -12.62 -17.34
N PHE A 557 -10.70 -13.25 -16.46
CA PHE A 557 -10.63 -14.68 -16.23
C PHE A 557 -11.88 -15.35 -16.75
N PRO A 558 -11.78 -16.43 -17.51
CA PRO A 558 -12.99 -17.14 -17.96
C PRO A 558 -13.79 -17.65 -16.77
N PHE A 559 -15.11 -17.59 -16.90
CA PHE A 559 -16.02 -18.00 -15.83
C PHE A 559 -17.00 -19.01 -16.40
N VAL A 560 -17.08 -20.18 -15.75
CA VAL A 560 -17.97 -21.25 -16.18
C VAL A 560 -18.73 -21.76 -14.97
N LEU A 561 -20.06 -21.87 -15.10
CA LEU A 561 -20.91 -22.37 -14.04
C LEU A 561 -21.96 -23.30 -14.65
N ARG A 562 -22.22 -24.42 -13.96
CA ARG A 562 -23.20 -25.38 -14.41
C ARG A 562 -24.16 -25.69 -13.28
N TYR A 563 -25.45 -25.82 -13.60
CA TYR A 563 -26.49 -26.13 -12.64
C TYR A 563 -27.37 -27.21 -13.24
N ARG A 564 -27.47 -28.35 -12.56
CA ARG A 564 -28.26 -29.49 -13.02
C ARG A 564 -29.40 -29.71 -12.03
N GLY A 565 -30.53 -29.02 -12.27
CA GLY A 565 -31.69 -29.14 -11.42
C GLY A 565 -32.96 -29.11 -12.25
N HIS A 566 -34.09 -29.25 -11.55
CA HIS A 566 -35.39 -29.24 -12.21
C HIS A 566 -35.88 -27.84 -12.53
N LYS A 567 -35.26 -26.80 -11.96
CA LYS A 567 -35.67 -25.43 -12.20
C LYS A 567 -34.56 -24.50 -11.72
N PHE A 568 -34.30 -23.46 -12.50
CA PHE A 568 -33.29 -22.49 -12.11
C PHE A 568 -33.79 -21.67 -10.93
N PRO A 569 -33.12 -21.71 -9.78
CA PRO A 569 -33.61 -20.97 -8.61
C PRO A 569 -33.50 -19.47 -8.80
N GLU A 570 -34.38 -18.74 -8.13
CA GLU A 570 -34.33 -17.28 -8.18
C GLU A 570 -33.11 -16.74 -7.44
N GLN A 571 -32.65 -17.45 -6.41
CA GLN A 571 -31.54 -16.96 -5.61
C GLN A 571 -30.22 -17.03 -6.37
N LEU A 572 -30.00 -18.11 -7.13
CA LEU A 572 -28.78 -18.20 -7.93
C LEU A 572 -28.76 -17.13 -9.01
N SER A 573 -29.90 -16.89 -9.67
CA SER A 573 -29.98 -15.81 -10.65
C SER A 573 -29.75 -14.45 -9.98
N SER A 574 -30.25 -14.28 -8.76
CA SER A 574 -29.97 -13.05 -8.02
C SER A 574 -28.49 -12.86 -7.77
N VAL A 575 -27.80 -13.94 -7.40
CA VAL A 575 -26.35 -13.87 -7.19
C VAL A 575 -25.64 -13.52 -8.50
N ILE A 576 -26.09 -14.12 -9.60
CA ILE A 576 -25.46 -13.84 -10.90
C ILE A 576 -25.64 -12.37 -11.27
N ARG A 577 -26.85 -11.84 -11.09
CA ARG A 577 -27.07 -10.42 -11.40
C ARG A 577 -26.31 -9.52 -10.44
N TYR A 578 -26.09 -9.97 -9.20
CA TYR A 578 -25.25 -9.22 -8.27
C TYR A 578 -23.82 -9.16 -8.77
N TRP A 579 -23.30 -10.28 -9.27
CA TRP A 579 -21.93 -10.31 -9.76
C TRP A 579 -21.77 -9.52 -11.06
N GLU A 580 -22.79 -9.57 -11.92
CA GLU A 580 -22.70 -8.90 -13.22
C GLU A 580 -22.56 -7.40 -13.05
N GLU A 581 -21.80 -6.79 -13.95
CA GLU A 581 -21.57 -5.34 -13.97
C GLU A 581 -22.07 -4.80 -15.30
N ASN A 582 -23.35 -4.42 -15.34
CA ASN A 582 -23.95 -3.83 -16.51
C ASN A 582 -24.57 -2.49 -16.13
N ASP A 583 -24.26 -1.45 -16.90
CA ASP A 583 -24.75 -0.08 -16.65
C ASP A 583 -24.26 0.34 -15.26
N GLY A 584 -25.12 0.85 -14.40
CA GLY A 584 -24.70 1.29 -13.08
C GLY A 584 -24.77 0.21 -12.01
N LYS A 585 -23.89 -0.78 -12.11
CA LYS A 585 -23.83 -1.83 -11.10
C LYS A 585 -22.41 -1.97 -10.55
N ASN A 586 -21.42 -1.80 -11.42
CA ASN A 586 -20.00 -1.75 -11.07
C ASN A 586 -19.46 -3.10 -10.59
N GLY A 587 -20.34 -4.10 -10.47
CA GLY A 587 -19.89 -5.42 -10.09
C GLY A 587 -19.61 -5.54 -8.61
N MET A 588 -19.98 -6.68 -8.00
CA MET A 588 -19.75 -6.86 -6.57
C MET A 588 -19.28 -8.26 -6.22
N ALA A 589 -18.67 -8.99 -7.16
CA ALA A 589 -18.16 -10.33 -6.89
C ALA A 589 -16.85 -10.20 -6.12
N TRP A 590 -16.95 -10.18 -4.79
CA TRP A 590 -15.79 -10.04 -3.94
C TRP A 590 -14.99 -11.34 -3.91
N LEU A 591 -14.00 -11.46 -4.79
CA LEU A 591 -13.17 -12.65 -4.91
C LEU A 591 -11.75 -12.31 -4.46
N GLY A 592 -11.21 -13.08 -3.53
CA GLY A 592 -9.83 -12.86 -3.13
C GLY A 592 -9.59 -12.96 -1.64
N GLY A 593 -8.55 -12.27 -1.16
CA GLY A 593 -8.14 -12.43 0.22
C GLY A 593 -7.66 -11.17 0.91
N LEU A 594 -8.01 -10.00 0.39
CA LEU A 594 -7.73 -8.75 1.07
C LEU A 594 -8.92 -7.80 0.92
N ASP A 595 -10.13 -8.34 1.14
CA ASP A 595 -11.35 -7.58 0.91
C ASP A 595 -11.43 -6.33 1.79
N SER A 596 -10.78 -6.35 2.96
CA SER A 596 -10.87 -5.22 3.86
C SER A 596 -10.24 -3.97 3.26
N THR A 597 -9.28 -4.12 2.35
CA THR A 597 -8.70 -3.00 1.64
C THR A 597 -9.12 -2.97 0.17
N GLY A 598 -10.22 -3.65 -0.17
CA GLY A 598 -10.75 -3.62 -1.52
C GLY A 598 -9.87 -4.27 -2.57
N LYS A 599 -9.33 -5.44 -2.29
CA LYS A 599 -8.50 -6.17 -3.25
C LYS A 599 -9.29 -7.37 -3.76
N GLY A 600 -9.83 -7.25 -4.97
CA GLY A 600 -10.47 -8.38 -5.61
C GLY A 600 -11.96 -8.24 -5.85
N ARG A 601 -12.44 -7.03 -6.11
CA ARG A 601 -13.86 -6.83 -6.44
C ARG A 601 -14.04 -7.13 -7.92
N PHE A 602 -14.15 -8.42 -8.23
CA PHE A 602 -14.35 -8.83 -9.62
C PHE A 602 -15.75 -8.48 -10.09
N ALA A 603 -15.88 -8.34 -11.40
CA ALA A 603 -17.14 -7.95 -12.03
C ALA A 603 -17.42 -8.88 -13.20
N LEU A 604 -18.46 -9.68 -13.09
CA LEU A 604 -18.84 -10.58 -14.17
C LEU A 604 -19.27 -9.80 -15.40
N LYS A 605 -18.86 -10.26 -16.57
CA LYS A 605 -19.16 -9.58 -17.82
C LYS A 605 -19.42 -10.63 -18.91
N ASP A 606 -20.12 -10.18 -19.96
CA ASP A 606 -20.39 -10.99 -21.15
C ASP A 606 -21.09 -12.30 -20.79
N ILE A 607 -22.05 -12.22 -19.87
CA ILE A 607 -22.75 -13.42 -19.41
C ILE A 607 -23.58 -14.00 -20.55
N LYS A 608 -23.33 -15.28 -20.84
CA LYS A 608 -24.14 -16.03 -21.79
C LYS A 608 -24.61 -17.30 -21.11
N ILE A 609 -25.92 -17.55 -21.13
CA ILE A 609 -26.52 -18.68 -20.45
C ILE A 609 -27.12 -19.61 -21.50
N PHE A 610 -26.73 -20.89 -21.44
CA PHE A 610 -27.21 -21.89 -22.37
C PHE A 610 -27.86 -23.03 -21.59
N GLU A 611 -28.95 -23.55 -22.12
CA GLU A 611 -29.81 -24.50 -21.41
C GLU A 611 -29.83 -25.82 -22.17
N TRP A 612 -29.46 -26.90 -21.49
CA TRP A 612 -29.55 -28.24 -22.05
C TRP A 612 -30.97 -28.77 -21.88
N ASP A 613 -31.18 -30.04 -22.19
CA ASP A 613 -32.45 -30.71 -21.95
C ASP A 613 -32.14 -32.20 -21.77
N LEU A 614 -32.09 -32.63 -20.51
CA LEU A 614 -31.64 -33.97 -20.16
C LEU A 614 -32.76 -34.99 -20.18
N ASN A 615 -33.87 -34.70 -20.84
CA ASN A 615 -34.99 -35.64 -20.93
C ASN A 615 -35.10 -36.29 -22.31
N GLN A 616 -35.17 -35.48 -23.37
CA GLN A 616 -35.22 -36.01 -24.73
C GLN A 616 -33.90 -35.85 -25.48
N LYS A 617 -33.08 -34.86 -25.10
CA LYS A 617 -31.81 -34.62 -25.76
C LYS A 617 -30.63 -35.07 -24.90
N ILE A 618 -30.81 -36.14 -24.14
CA ILE A 618 -29.74 -36.66 -23.30
C ILE A 618 -28.64 -37.28 -24.16
N ASN A 619 -29.03 -37.98 -25.23
CA ASN A 619 -28.05 -38.66 -26.08
C ASN A 619 -27.04 -37.66 -26.65
N GLU A 620 -27.51 -36.49 -27.06
CA GLU A 620 -26.59 -35.45 -27.49
C GLU A 620 -25.69 -34.97 -26.34
N TYR A 621 -26.19 -35.03 -25.10
CA TYR A 621 -25.37 -34.62 -23.97
C TYR A 621 -24.22 -35.60 -23.75
N ILE A 622 -24.48 -36.90 -23.82
CA ILE A 622 -23.38 -37.86 -23.74
C ILE A 622 -22.46 -37.73 -24.95
N LYS A 623 -23.04 -37.55 -26.15
CA LYS A 623 -22.22 -37.50 -27.36
C LYS A 623 -21.23 -36.34 -27.32
N GLU A 624 -21.67 -35.18 -26.87
CA GLU A 624 -20.81 -34.01 -26.78
C GLU A 624 -20.15 -33.86 -25.41
N ARG A 625 -20.39 -34.80 -24.49
CA ARG A 625 -19.83 -34.76 -23.14
C ARG A 625 -20.20 -33.49 -22.40
N GLY A 626 -21.35 -32.91 -22.73
CA GLY A 626 -21.81 -31.71 -22.05
C GLY A 626 -20.93 -30.50 -22.26
N MET A 627 -20.16 -30.46 -23.35
CA MET A 627 -19.25 -29.36 -23.63
C MET A 627 -18.28 -29.12 -22.48
N ARG A 628 -17.78 -30.21 -21.91
CA ARG A 628 -16.82 -30.12 -20.81
C ARG A 628 -15.42 -29.89 -21.38
N GLY A 629 -14.79 -28.81 -20.94
CA GLY A 629 -13.47 -28.44 -21.43
C GLY A 629 -13.47 -27.63 -22.71
N LYS A 630 -14.63 -27.41 -23.33
CA LYS A 630 -14.74 -26.64 -24.55
C LYS A 630 -15.65 -25.42 -24.37
N GLU A 631 -15.67 -24.86 -23.16
CA GLU A 631 -16.51 -23.70 -22.89
C GLU A 631 -15.94 -22.43 -23.49
N LYS A 632 -14.61 -22.34 -23.61
CA LYS A 632 -14.00 -21.14 -24.19
C LYS A 632 -14.45 -20.95 -25.64
N GLU A 633 -14.51 -22.04 -26.41
CA GLU A 633 -15.05 -21.95 -27.76
C GLU A 633 -16.53 -21.58 -27.75
N LEU A 634 -17.29 -22.15 -26.80
CA LEU A 634 -18.72 -21.90 -26.73
C LEU A 634 -19.03 -20.45 -26.40
N LEU A 635 -18.14 -19.78 -25.67
CA LEU A 635 -18.40 -18.40 -25.27
C LEU A 635 -18.49 -17.46 -26.47
N GLU A 636 -17.60 -17.62 -27.44
CA GLU A 636 -17.44 -16.68 -28.53
C GLU A 636 -17.78 -17.29 -29.89
N MET A 637 -18.88 -18.05 -29.95
CA MET A 637 -19.33 -18.66 -31.19
C MET A 637 -20.78 -18.30 -31.44
N GLY A 638 -21.15 -18.25 -32.73
CA GLY A 638 -22.50 -17.90 -33.09
C GLY A 638 -23.50 -18.98 -32.69
N GLU A 639 -24.74 -18.55 -32.45
CA GLU A 639 -25.78 -19.46 -32.02
C GLU A 639 -26.17 -20.46 -33.10
N SER A 640 -25.88 -20.17 -34.36
CA SER A 640 -26.22 -21.09 -35.45
C SER A 640 -25.34 -22.32 -35.48
N SER A 641 -24.24 -22.35 -34.73
CA SER A 641 -23.33 -23.48 -34.71
C SER A 641 -23.38 -24.25 -33.39
N LEU A 642 -24.40 -24.00 -32.57
CA LEU A 642 -24.51 -24.69 -31.29
C LEU A 642 -24.78 -26.18 -31.52
N PRO A 643 -24.25 -27.05 -30.65
CA PRO A 643 -24.53 -28.48 -30.77
C PRO A 643 -26.02 -28.76 -30.57
N ASP A 644 -26.49 -29.82 -31.22
CA ASP A 644 -27.90 -30.19 -31.12
C ASP A 644 -28.27 -30.51 -29.67
N GLY A 645 -29.47 -30.09 -29.28
CA GLY A 645 -29.95 -30.29 -27.93
C GLY A 645 -29.63 -29.16 -26.97
N LEU A 646 -28.81 -28.20 -27.38
CA LEU A 646 -28.45 -27.05 -26.55
C LEU A 646 -29.04 -25.79 -27.17
N ILE A 647 -29.78 -25.03 -26.37
CA ILE A 647 -30.40 -23.79 -26.83
C ILE A 647 -30.08 -22.68 -25.85
N PRO A 648 -29.98 -21.43 -26.30
CA PRO A 648 -29.76 -20.32 -25.37
C PRO A 648 -30.96 -20.13 -24.44
N TYR A 649 -30.68 -19.64 -23.24
CA TYR A 649 -31.70 -19.40 -22.24
C TYR A 649 -32.27 -18.02 -22.42
N LYS A 650 -33.53 -17.94 -22.87
CA LYS A 650 -34.20 -16.67 -23.13
C LYS A 650 -35.11 -16.24 -22.00
N PHE A 651 -35.18 -17.00 -20.90
CA PHE A 651 -36.05 -16.67 -19.78
C PHE A 651 -35.28 -16.15 -18.58
N PHE A 652 -34.09 -15.61 -18.79
CA PHE A 652 -33.29 -15.08 -17.69
C PHE A 652 -33.81 -13.70 -17.31
N GLU A 653 -34.33 -13.58 -16.09
CA GLU A 653 -34.96 -12.34 -15.65
C GLU A 653 -33.92 -11.27 -15.36
N GLU A 654 -34.34 -10.02 -15.43
CA GLU A 654 -33.47 -8.88 -15.18
C GLU A 654 -33.20 -8.72 -13.68
N ARG A 655 -32.28 -7.80 -13.37
CA ARG A 655 -31.92 -7.56 -11.97
C ARG A 655 -33.11 -7.04 -11.17
N GLU A 656 -33.88 -6.11 -11.74
CA GLU A 656 -34.99 -5.50 -11.02
C GLU A 656 -36.20 -6.42 -10.89
N CYS A 657 -36.24 -7.53 -11.63
CA CYS A 657 -37.36 -8.46 -11.56
C CYS A 657 -37.18 -9.53 -10.49
N LEU A 658 -36.00 -9.62 -9.88
CA LEU A 658 -35.71 -10.63 -8.88
C LEU A 658 -35.92 -10.07 -7.47
N PHE A 659 -36.65 -10.81 -6.64
CA PHE A 659 -36.96 -10.40 -5.29
C PHE A 659 -35.77 -10.58 -4.33
N PRO A 660 -35.09 -11.74 -4.32
CA PRO A 660 -33.93 -11.87 -3.41
C PRO A 660 -32.84 -10.84 -3.65
N TYR A 661 -32.61 -10.47 -4.91
CA TYR A 661 -31.62 -9.43 -5.19
C TYR A 661 -32.08 -8.08 -4.67
N LYS A 662 -33.37 -7.75 -4.84
CA LYS A 662 -33.87 -6.44 -4.47
C LYS A 662 -33.93 -6.24 -2.97
N GLU A 663 -33.95 -7.31 -2.18
CA GLU A 663 -34.12 -7.21 -0.73
C GLU A 663 -32.87 -7.57 0.06
N ASN A 664 -32.27 -8.72 -0.20
CA ASN A 664 -31.18 -9.23 0.63
C ASN A 664 -29.79 -8.95 0.07
N LEU A 665 -29.60 -9.04 -1.24
CA LEU A 665 -28.27 -8.96 -1.82
C LEU A 665 -27.85 -7.52 -2.12
N LYS A 666 -28.71 -6.74 -2.76
CA LYS A 666 -28.32 -5.41 -3.20
C LYS A 666 -27.95 -4.46 -2.06
N PRO A 667 -28.75 -4.29 -1.00
CA PRO A 667 -28.43 -3.28 0.02
C PRO A 667 -27.41 -3.71 1.05
N GLN A 668 -26.70 -4.81 0.85
CA GLN A 668 -25.70 -5.23 1.83
C GLN A 668 -24.53 -4.26 1.89
N TRP A 669 -23.99 -3.89 0.73
CA TRP A 669 -22.88 -2.94 0.64
C TRP A 669 -23.34 -1.69 -0.09
N SER A 670 -23.19 -0.54 0.55
CA SER A 670 -23.52 0.74 -0.04
C SER A 670 -22.25 1.56 -0.19
N GLU A 671 -21.98 2.02 -1.41
CA GLU A 671 -20.76 2.74 -1.70
C GLU A 671 -20.88 4.22 -1.32
N VAL A 672 -19.74 4.82 -1.00
CA VAL A 672 -19.62 6.27 -0.83
C VAL A 672 -18.42 6.71 -1.66
N GLN A 673 -18.67 7.57 -2.65
CA GLN A 673 -17.64 7.99 -3.58
C GLN A 673 -17.51 9.51 -3.56
N TYR A 674 -16.27 9.99 -3.62
CA TYR A 674 -15.99 11.42 -3.55
C TYR A 674 -14.68 11.71 -4.26
N THR A 675 -14.48 12.98 -4.57
CA THR A 675 -13.27 13.45 -5.26
C THR A 675 -12.52 14.40 -4.32
N ILE A 676 -11.42 13.91 -3.76
CA ILE A 676 -10.60 14.70 -2.84
C ILE A 676 -9.77 15.69 -3.65
N GLU A 677 -9.84 16.96 -3.27
CA GLU A 677 -9.06 18.01 -3.92
C GLU A 677 -7.84 18.32 -3.06
N VAL A 678 -6.66 18.20 -3.65
CA VAL A 678 -5.39 18.48 -2.97
C VAL A 678 -4.79 19.73 -3.60
N GLY A 679 -4.59 20.76 -2.79
CA GLY A 679 -4.04 22.02 -3.27
C GLY A 679 -2.58 22.21 -2.90
N SER A 680 -1.80 21.14 -2.98
CA SER A 680 -0.40 21.17 -2.60
C SER A 680 0.28 19.96 -3.20
N PRO A 681 1.62 19.91 -3.19
CA PRO A 681 2.31 18.71 -3.65
C PRO A 681 1.88 17.49 -2.85
N LEU A 682 1.77 16.36 -3.52
CA LEU A 682 1.34 15.10 -2.92
C LEU A 682 2.44 14.07 -3.13
N LEU A 683 3.14 13.71 -2.05
CA LEU A 683 4.24 12.75 -2.09
C LEU A 683 3.84 11.51 -1.28
N THR A 684 3.57 10.41 -1.97
CA THR A 684 3.27 9.15 -1.32
C THR A 684 4.54 8.35 -1.01
N ALA A 685 5.67 8.74 -1.58
CA ALA A 685 6.98 8.17 -1.26
C ALA A 685 7.03 6.65 -1.53
N ASP A 686 6.91 6.33 -2.81
CA ASP A 686 7.19 4.97 -3.26
C ASP A 686 8.62 4.59 -2.86
N THR A 687 8.75 3.58 -2.00
CA THR A 687 10.00 3.32 -1.32
C THR A 687 10.92 2.34 -2.04
N ILE A 688 10.38 1.47 -2.89
CA ILE A 688 11.21 0.49 -3.58
C ILE A 688 11.40 0.90 -5.03
N SER A 689 10.41 1.58 -5.60
CA SER A 689 10.55 2.07 -6.96
C SER A 689 11.66 3.12 -7.06
N ALA A 690 11.75 4.01 -6.07
CA ALA A 690 12.82 4.99 -6.04
C ALA A 690 14.18 4.34 -5.81
N LEU A 691 14.21 3.11 -5.33
CA LEU A 691 15.44 2.37 -5.12
C LEU A 691 15.87 1.58 -6.35
N THR A 692 15.04 1.52 -7.39
CA THR A 692 15.31 0.75 -8.59
C THR A 692 15.35 1.59 -9.85
N GLU A 693 14.46 2.58 -9.96
CA GLU A 693 14.43 3.42 -11.15
C GLU A 693 15.70 4.26 -11.22
N PRO A 694 16.23 4.50 -12.43
CA PRO A 694 17.51 5.22 -12.57
C PRO A 694 17.41 6.73 -12.41
N GLY A 695 16.29 7.26 -11.91
CA GLY A 695 16.15 8.69 -11.76
C GLY A 695 17.06 9.30 -10.71
N ASN A 696 17.59 8.48 -9.81
CA ASN A 696 18.49 8.94 -8.74
C ASN A 696 17.80 10.01 -7.88
N ARG A 697 16.65 9.65 -7.32
CA ARG A 697 15.88 10.53 -6.48
C ARG A 697 15.48 9.80 -5.20
N ASP A 698 15.40 10.56 -4.10
CA ASP A 698 15.15 9.94 -2.80
C ASP A 698 13.69 9.50 -2.67
N ALA A 699 12.75 10.33 -3.10
CA ALA A 699 11.34 10.03 -2.94
C ALA A 699 10.59 10.36 -4.23
N ILE A 700 9.77 9.42 -4.69
CA ILE A 700 8.93 9.60 -5.87
C ILE A 700 7.50 9.20 -5.51
N ALA A 701 6.56 9.69 -6.30
CA ALA A 701 5.16 9.41 -6.06
C ALA A 701 4.82 7.96 -6.44
N TYR A 702 3.78 7.44 -5.79
CA TYR A 702 3.35 6.07 -6.02
C TYR A 702 2.57 5.96 -7.33
N LYS A 703 2.74 4.84 -8.01
CA LYS A 703 2.06 4.59 -9.28
C LYS A 703 1.67 3.13 -9.37
N LYS A 704 0.70 2.84 -10.23
CA LYS A 704 0.14 1.51 -10.38
C LYS A 704 0.36 0.99 -11.80
N ARG A 705 0.17 -0.32 -11.95
CA ARG A 705 0.12 -0.96 -13.25
C ARG A 705 -1.30 -1.45 -13.50
N VAL A 706 -1.90 -0.99 -14.60
CA VAL A 706 -3.30 -1.27 -14.90
C VAL A 706 -3.35 -2.03 -16.22
N TYR A 707 -3.97 -3.21 -16.20
CA TYR A 707 -4.18 -3.98 -17.41
C TYR A 707 -5.33 -3.40 -18.21
N ASN A 708 -5.19 -3.43 -19.54
CA ASN A 708 -6.20 -2.90 -20.46
C ASN A 708 -6.68 -4.04 -21.36
N ASP A 709 -7.94 -4.42 -21.20
CA ASP A 709 -8.52 -5.52 -21.95
C ASP A 709 -8.54 -5.23 -23.45
N GLY A 710 -8.82 -3.97 -23.81
CA GLY A 710 -8.89 -3.59 -25.21
C GLY A 710 -7.59 -3.77 -25.96
N ASN A 711 -6.49 -3.32 -25.37
CA ASN A 711 -5.16 -3.49 -25.97
C ASN A 711 -4.52 -4.80 -25.58
N ASN A 712 -5.12 -5.55 -24.67
CA ASN A 712 -4.61 -6.85 -24.20
C ASN A 712 -3.18 -6.72 -23.69
N ALA A 713 -2.93 -5.61 -23.01
CA ALA A 713 -1.61 -5.33 -22.45
C ALA A 713 -1.74 -4.28 -21.36
N ILE A 714 -0.71 -4.18 -20.53
CA ILE A 714 -0.66 -3.15 -19.51
C ILE A 714 -0.57 -1.78 -20.16
N GLU A 715 -1.27 -0.80 -19.60
CA GLU A 715 -1.24 0.56 -20.11
C GLU A 715 0.18 1.10 -20.06
N PRO A 716 0.66 1.73 -21.14
CA PRO A 716 2.03 2.26 -21.13
C PRO A 716 2.26 3.35 -20.10
N GLU A 717 1.21 4.05 -19.67
CA GLU A 717 1.35 5.11 -18.68
C GLU A 717 0.84 4.62 -17.33
N PRO A 718 1.70 4.53 -16.31
CA PRO A 718 1.21 4.13 -14.98
C PRO A 718 0.26 5.17 -14.41
N ARG A 719 -0.69 4.68 -13.61
CA ARG A 719 -1.71 5.53 -13.01
C ARG A 719 -1.28 5.92 -11.60
N PHE A 720 -1.20 7.21 -11.35
CA PHE A 720 -0.88 7.71 -10.01
C PHE A 720 -2.11 7.61 -9.12
N ALA A 721 -1.91 7.16 -7.89
CA ALA A 721 -3.01 7.01 -6.96
C ALA A 721 -2.48 6.96 -5.54
N VAL A 722 -3.36 7.23 -4.59
CA VAL A 722 -3.06 7.06 -3.17
C VAL A 722 -3.52 5.67 -2.76
N LYS A 723 -2.63 4.92 -2.10
CA LYS A 723 -2.89 3.52 -1.80
C LYS A 723 -4.16 3.37 -0.98
N SER A 724 -4.94 2.32 -1.31
CA SER A 724 -6.13 2.02 -0.53
C SER A 724 -5.79 1.71 0.91
N GLU A 725 -4.59 1.16 1.16
CA GLU A 725 -4.13 0.96 2.52
C GLU A 725 -3.98 2.29 3.24
N THR A 726 -3.44 3.30 2.55
CA THR A 726 -3.33 4.63 3.14
C THR A 726 -4.71 5.23 3.43
N HIS A 727 -5.65 5.05 2.51
CA HIS A 727 -7.02 5.50 2.74
C HIS A 727 -7.62 4.85 3.98
N ARG A 728 -7.47 3.53 4.09
CA ARG A 728 -7.99 2.80 5.24
C ARG A 728 -7.34 3.26 6.53
N GLY A 729 -6.02 3.46 6.51
CA GLY A 729 -5.34 3.94 7.70
C GLY A 729 -5.76 5.34 8.09
N ILE A 730 -5.98 6.21 7.11
CA ILE A 730 -6.43 7.58 7.38
C ILE A 730 -7.77 7.55 8.08
N PHE A 731 -8.74 6.81 7.53
CA PHE A 731 -10.06 6.80 8.18
C PHE A 731 -10.02 6.08 9.52
N ARG A 732 -9.21 5.03 9.63
CA ARG A 732 -9.11 4.32 10.90
C ARG A 732 -8.54 5.23 12.00
N THR A 733 -7.48 5.96 11.67
CA THR A 733 -6.90 6.89 12.64
C THR A 733 -7.87 8.01 12.99
N ALA A 734 -8.58 8.54 11.99
CA ALA A 734 -9.55 9.60 12.26
C ALA A 734 -10.63 9.13 13.21
N VAL A 735 -11.21 7.95 12.94
CA VAL A 735 -12.27 7.43 13.80
C VAL A 735 -11.74 7.10 15.19
N GLY A 736 -10.55 6.50 15.27
CA GLY A 736 -9.99 6.15 16.57
C GLY A 736 -9.72 7.36 17.44
N ARG A 737 -9.19 8.42 16.84
CA ARG A 737 -8.93 9.64 17.61
C ARG A 737 -10.22 10.37 17.95
N ARG A 738 -11.21 10.34 17.06
CA ARG A 738 -12.48 10.98 17.35
C ARG A 738 -13.20 10.29 18.51
N THR A 739 -13.23 8.96 18.50
CA THR A 739 -13.95 8.21 19.52
C THR A 739 -13.11 7.90 20.76
N GLY A 740 -11.80 8.14 20.71
CA GLY A 740 -10.95 7.90 21.85
C GLY A 740 -10.52 6.47 22.05
N ASP A 741 -10.95 5.55 21.19
CA ASP A 741 -10.56 4.15 21.32
C ASP A 741 -9.16 3.87 20.80
N LEU A 742 -8.57 4.78 20.03
CA LEU A 742 -7.21 4.60 19.57
C LEU A 742 -6.23 4.75 20.72
N GLY A 743 -5.14 3.97 20.68
CA GLY A 743 -4.17 4.00 21.75
C GLY A 743 -4.47 3.08 22.91
N LYS A 744 -5.54 2.28 22.84
CA LYS A 744 -5.81 1.33 23.89
C LYS A 744 -4.75 0.24 23.91
N GLU A 745 -4.53 -0.33 25.10
CA GLU A 745 -3.40 -1.23 25.30
C GLU A 745 -3.52 -2.48 24.43
N ASP A 746 -4.66 -3.16 24.50
CA ASP A 746 -4.85 -4.42 23.78
C ASP A 746 -6.20 -4.43 23.08
N HIS A 747 -6.21 -5.05 21.89
CA HIS A 747 -7.43 -5.25 21.12
C HIS A 747 -7.67 -6.74 20.85
N GLU A 748 -7.23 -7.59 21.76
CA GLU A 748 -7.39 -9.04 21.57
C GLU A 748 -8.85 -9.44 21.51
N ASP A 749 -9.63 -9.03 22.50
CA ASP A 749 -11.06 -9.29 22.54
C ASP A 749 -11.85 -7.98 22.66
N CYS A 750 -11.23 -6.87 22.26
CA CYS A 750 -11.87 -5.57 22.35
C CYS A 750 -13.07 -5.50 21.42
N THR A 751 -14.15 -4.91 21.93
CA THR A 751 -15.38 -4.71 21.15
C THR A 751 -15.74 -3.23 21.07
N CYS A 752 -14.72 -2.37 21.04
CA CYS A 752 -14.96 -0.93 20.96
C CYS A 752 -15.51 -0.57 19.57
N ASP A 753 -15.82 0.71 19.39
CA ASP A 753 -16.37 1.17 18.12
C ASP A 753 -15.38 0.96 16.98
N MET A 754 -14.12 1.31 17.19
CA MET A 754 -13.12 1.17 16.14
C MET A 754 -12.94 -0.30 15.74
N CYS A 755 -12.89 -1.19 16.74
CA CYS A 755 -12.79 -2.61 16.43
C CYS A 755 -14.06 -3.13 15.75
N ILE A 756 -15.22 -2.59 16.13
CA ILE A 756 -16.47 -3.05 15.54
C ILE A 756 -16.53 -2.68 14.06
N ILE A 757 -16.19 -1.44 13.72
CA ILE A 757 -16.34 -0.97 12.35
C ILE A 757 -15.04 -1.02 11.56
N PHE A 758 -14.00 -1.64 12.11
CA PHE A 758 -12.76 -1.81 11.37
C PHE A 758 -12.10 -3.17 11.57
N GLY A 759 -12.73 -4.08 12.32
CA GLY A 759 -12.22 -5.43 12.44
C GLY A 759 -10.96 -5.57 13.27
N ASN A 760 -10.75 -6.75 13.83
CA ASN A 760 -9.57 -7.07 14.61
C ASN A 760 -9.14 -8.50 14.26
N GLU A 761 -8.27 -9.07 15.09
CA GLU A 761 -7.80 -10.43 14.84
C GLU A 761 -8.89 -11.48 14.99
N HIS A 762 -10.04 -11.14 15.60
CA HIS A 762 -11.12 -12.08 15.83
C HIS A 762 -12.38 -11.72 15.06
N GLU A 763 -12.26 -10.97 13.97
CA GLU A 763 -13.42 -10.47 13.24
C GLU A 763 -12.94 -9.91 11.91
N SER A 764 -13.89 -9.51 11.08
CA SER A 764 -13.63 -8.86 9.81
C SER A 764 -14.22 -7.46 9.78
N SER A 765 -13.57 -6.56 9.07
CA SER A 765 -14.01 -5.18 9.01
C SER A 765 -15.33 -5.05 8.27
N LYS A 766 -16.19 -4.17 8.76
CA LYS A 766 -17.48 -3.88 8.14
C LYS A 766 -17.38 -2.82 7.06
N ILE A 767 -16.21 -2.24 6.83
CA ILE A 767 -16.02 -1.19 5.84
C ILE A 767 -14.83 -1.56 4.96
N ARG A 768 -15.02 -1.48 3.65
CA ARG A 768 -14.00 -1.85 2.68
C ARG A 768 -13.66 -0.64 1.82
N PHE A 769 -12.37 -0.35 1.71
CA PHE A 769 -11.89 0.85 1.03
C PHE A 769 -11.31 0.50 -0.33
N GLU A 770 -11.10 1.54 -1.14
CA GLU A 770 -10.53 1.39 -2.47
C GLU A 770 -9.52 2.51 -2.72
N ASP A 771 -8.79 2.39 -3.81
CA ASP A 771 -7.72 3.32 -4.11
C ASP A 771 -8.29 4.70 -4.45
N LEU A 772 -7.44 5.72 -4.26
CA LEU A 772 -7.77 7.10 -4.61
C LEU A 772 -7.11 7.41 -5.95
N GLU A 773 -7.77 6.99 -7.03
CA GLU A 773 -7.24 7.21 -8.36
C GLU A 773 -7.24 8.70 -8.69
N LEU A 774 -6.19 9.14 -9.38
CA LEU A 774 -6.05 10.54 -9.79
C LEU A 774 -6.64 10.70 -11.18
N ILE A 775 -7.69 11.52 -11.29
CA ILE A 775 -8.35 11.79 -12.56
C ILE A 775 -7.84 13.07 -13.20
N ASN A 776 -7.60 14.10 -12.40
CA ASN A 776 -7.04 15.35 -12.90
C ASN A 776 -5.55 15.19 -13.10
N GLY A 777 -5.15 14.43 -14.13
CA GLY A 777 -3.75 14.11 -14.32
C GLY A 777 -3.15 14.65 -15.61
N ASN A 778 -3.99 14.92 -16.60
CA ASN A 778 -3.52 15.38 -17.91
C ASN A 778 -3.70 16.88 -18.10
N GLU A 779 -4.00 17.62 -17.04
CA GLU A 779 -4.22 19.06 -17.13
C GLU A 779 -3.03 19.87 -16.63
N PHE A 780 -1.87 19.24 -16.44
CA PHE A 780 -0.71 19.90 -15.86
C PHE A 780 0.44 20.10 -16.84
N GLU A 781 0.70 19.12 -17.71
CA GLU A 781 1.79 19.11 -18.68
C GLU A 781 3.13 18.90 -17.99
N LYS A 782 3.13 18.97 -16.65
CA LYS A 782 4.25 18.52 -15.83
C LYS A 782 3.62 18.06 -14.51
N LEU A 783 3.32 16.76 -14.42
CA LEU A 783 2.54 16.26 -13.30
C LEU A 783 3.31 16.34 -11.99
N GLU A 784 4.60 16.00 -12.02
CA GLU A 784 5.41 15.91 -10.81
C GLU A 784 6.60 16.85 -10.91
N LYS A 785 6.78 17.69 -9.90
CA LYS A 785 7.82 18.71 -9.85
C LYS A 785 8.92 18.28 -8.89
N HIS A 786 10.16 18.60 -9.26
CA HIS A 786 11.32 18.26 -8.42
C HIS A 786 11.51 19.35 -7.39
N ILE A 787 11.31 19.02 -6.12
CA ILE A 787 11.52 19.94 -5.01
C ILE A 787 12.62 19.36 -4.13
N ASP A 788 13.63 20.16 -3.84
CA ASP A 788 14.77 19.73 -3.03
C ASP A 788 14.94 20.63 -1.82
N HIS A 789 15.27 20.01 -0.70
CA HIS A 789 15.45 20.69 0.58
C HIS A 789 16.88 20.47 1.07
N VAL A 790 17.21 21.09 2.20
CA VAL A 790 18.53 20.95 2.82
C VAL A 790 18.39 21.28 4.30
N ALA A 791 19.31 20.75 5.09
CA ALA A 791 19.38 21.03 6.52
C ALA A 791 20.47 22.06 6.77
N ILE A 792 20.14 23.10 7.54
CA ILE A 792 21.04 24.22 7.79
C ILE A 792 21.58 24.12 9.20
N ASP A 793 22.89 24.30 9.33
CA ASP A 793 23.53 24.32 10.64
C ASP A 793 23.00 25.47 11.47
N ARG A 794 22.86 25.24 12.78
CA ARG A 794 22.36 26.28 13.66
C ARG A 794 23.44 27.28 14.07
N PHE A 795 24.71 26.94 13.89
CA PHE A 795 25.81 27.82 14.30
C PHE A 795 26.37 28.59 13.10
N THR A 796 26.83 27.88 12.07
CA THR A 796 27.42 28.56 10.92
C THR A 796 26.35 29.20 10.03
N GLY A 797 25.13 28.67 10.03
CA GLY A 797 24.07 29.21 9.19
C GLY A 797 24.07 28.71 7.77
N GLY A 798 25.00 27.83 7.40
CA GLY A 798 25.04 27.26 6.07
C GLY A 798 24.48 25.84 6.03
N ALA A 799 24.50 25.27 4.83
CA ALA A 799 23.99 23.92 4.64
C ALA A 799 24.86 22.91 5.38
N LEU A 800 24.25 21.80 5.77
CA LEU A 800 24.93 20.77 6.55
C LEU A 800 25.68 19.79 5.66
N ASP A 801 26.51 20.32 4.77
CA ASP A 801 27.34 19.53 3.86
C ASP A 801 26.53 18.47 3.13
N LYS A 802 26.61 17.22 3.59
CA LYS A 802 25.90 16.10 2.98
C LYS A 802 24.63 15.83 3.78
N ALA A 803 23.64 16.71 3.58
CA ALA A 803 22.34 16.53 4.22
C ALA A 803 21.17 16.77 3.28
N LYS A 804 21.42 17.09 2.01
CA LYS A 804 20.36 17.36 1.06
C LYS A 804 19.58 16.08 0.74
N PHE A 805 18.28 16.25 0.52
CA PHE A 805 17.42 15.16 0.08
C PHE A 805 16.45 15.71 -0.96
N ASP A 806 16.03 14.83 -1.86
CA ASP A 806 15.21 15.21 -3.02
C ASP A 806 13.81 14.65 -2.87
N THR A 807 12.82 15.42 -3.33
CA THR A 807 11.44 14.98 -3.35
C THR A 807 10.87 15.24 -4.74
N TYR A 808 10.06 14.30 -5.23
CA TYR A 808 9.49 14.36 -6.58
C TYR A 808 7.99 14.10 -6.49
N PRO A 809 7.23 15.00 -5.87
CA PRO A 809 5.80 14.78 -5.70
C PRO A 809 4.99 15.35 -6.86
N LEU A 810 3.72 14.94 -6.92
CA LEU A 810 2.81 15.47 -7.91
C LEU A 810 2.60 16.96 -7.69
N ALA A 811 2.60 17.73 -8.77
CA ALA A 811 2.59 19.19 -8.69
C ALA A 811 1.16 19.68 -8.52
N GLY A 812 0.65 19.54 -7.30
CA GLY A 812 -0.65 20.08 -6.94
C GLY A 812 -0.53 21.57 -6.61
N SER A 813 -1.50 22.34 -7.06
CA SER A 813 -1.47 23.78 -6.91
C SER A 813 -2.78 24.28 -6.30
N PRO A 814 -2.72 25.37 -5.52
CA PRO A 814 -3.97 25.90 -4.93
C PRO A 814 -5.03 26.25 -5.94
N LYS A 815 -4.65 26.81 -7.10
CA LYS A 815 -5.62 27.14 -8.13
C LYS A 815 -5.74 26.07 -9.21
N LYS A 816 -4.85 25.07 -9.21
CA LYS A 816 -4.93 23.93 -10.11
C LYS A 816 -4.73 22.68 -9.27
N PRO A 817 -5.74 22.28 -8.50
CA PRO A 817 -5.55 21.22 -7.51
C PRO A 817 -5.74 19.82 -8.08
N LEU A 818 -4.97 18.89 -7.51
CA LEU A 818 -5.13 17.49 -7.87
C LEU A 818 -6.47 16.98 -7.37
N LYS A 819 -7.16 16.21 -8.21
CA LYS A 819 -8.45 15.64 -7.89
C LYS A 819 -8.31 14.13 -7.83
N LEU A 820 -8.39 13.57 -6.62
CA LEU A 820 -8.30 12.13 -6.40
C LEU A 820 -9.70 11.60 -6.15
N LYS A 821 -10.13 10.62 -6.95
CA LYS A 821 -11.46 10.03 -6.84
C LYS A 821 -11.33 8.63 -6.28
N GLY A 822 -11.92 8.41 -5.10
CA GLY A 822 -11.92 7.11 -4.48
C GLY A 822 -13.28 6.79 -3.90
N ARG A 823 -13.42 5.56 -3.41
CA ARG A 823 -14.67 5.10 -2.86
C ARG A 823 -14.42 4.10 -1.75
N PHE A 824 -15.42 3.94 -0.88
CA PHE A 824 -15.39 2.91 0.15
C PHE A 824 -16.79 2.38 0.34
N TRP A 825 -16.89 1.09 0.65
CA TRP A 825 -18.15 0.40 0.80
C TRP A 825 -18.51 0.26 2.28
N ILE A 826 -19.79 0.41 2.58
CA ILE A 826 -20.30 0.35 3.95
C ILE A 826 -21.28 -0.82 4.04
N LYS A 827 -21.04 -1.71 5.00
CA LYS A 827 -21.92 -2.84 5.19
C LYS A 827 -23.23 -2.40 5.84
N LYS A 828 -24.31 -3.07 5.47
CA LYS A 828 -25.61 -2.82 6.09
C LYS A 828 -25.58 -3.23 7.56
N GLY A 829 -26.43 -2.60 8.35
CA GLY A 829 -26.56 -2.91 9.75
C GLY A 829 -25.97 -1.90 10.71
N PHE A 830 -25.23 -0.90 10.20
CA PHE A 830 -24.75 0.17 11.07
C PHE A 830 -25.92 0.91 11.71
N SER A 831 -25.79 1.18 13.00
CA SER A 831 -26.71 2.06 13.69
C SER A 831 -26.42 3.52 13.30
N GLY A 832 -27.15 4.43 13.93
CA GLY A 832 -26.91 5.84 13.67
C GLY A 832 -25.54 6.29 14.14
N ASP A 833 -25.07 5.73 15.26
CA ASP A 833 -23.82 6.17 15.86
C ASP A 833 -22.63 5.94 14.94
N HIS A 834 -22.56 4.75 14.34
CA HIS A 834 -21.40 4.44 13.50
C HIS A 834 -21.43 5.20 12.18
N LYS A 835 -22.62 5.40 11.61
CA LYS A 835 -22.72 6.24 10.42
C LYS A 835 -22.32 7.67 10.73
N LEU A 836 -22.72 8.18 11.91
CA LEU A 836 -22.29 9.51 12.32
C LEU A 836 -20.78 9.58 12.49
N LEU A 837 -20.17 8.53 13.05
CA LEU A 837 -18.71 8.49 13.17
C LEU A 837 -18.04 8.52 11.81
N ILE A 838 -18.58 7.77 10.85
CA ILE A 838 -17.99 7.77 9.50
C ILE A 838 -18.12 9.14 8.85
N THR A 839 -19.29 9.78 8.97
CA THR A 839 -19.47 11.11 8.40
C THR A 839 -18.57 12.13 9.09
N THR A 840 -18.38 11.99 10.41
CA THR A 840 -17.47 12.88 11.11
C THR A 840 -16.03 12.70 10.64
N ALA A 841 -15.61 11.46 10.43
CA ALA A 841 -14.26 11.23 9.89
C ALA A 841 -14.12 11.83 8.50
N LEU A 842 -15.14 11.68 7.66
CA LEU A 842 -15.08 12.27 6.33
C LEU A 842 -15.00 13.79 6.40
N SER A 843 -15.77 14.40 7.31
CA SER A 843 -15.71 15.85 7.47
C SER A 843 -14.34 16.29 7.97
N ASP A 844 -13.74 15.51 8.87
CA ASP A 844 -12.39 15.82 9.34
C ASP A 844 -11.39 15.76 8.18
N ILE A 845 -11.56 14.79 7.28
CA ILE A 845 -10.71 14.73 6.10
C ILE A 845 -10.93 15.95 5.22
N ARG A 846 -12.19 16.39 5.11
CA ARG A 846 -12.48 17.58 4.30
C ARG A 846 -11.79 18.81 4.86
N ASP A 847 -11.82 18.99 6.18
CA ASP A 847 -11.23 20.16 6.82
C ASP A 847 -9.72 20.12 6.89
N GLY A 848 -9.09 19.12 6.29
CA GLY A 848 -7.64 19.07 6.21
C GLY A 848 -6.92 18.72 7.50
N LEU A 849 -7.60 18.07 8.44
CA LEU A 849 -6.93 17.66 9.68
C LEU A 849 -5.84 16.62 9.41
N TYR A 850 -6.06 15.73 8.46
CA TYR A 850 -5.11 14.66 8.14
C TYR A 850 -4.62 14.80 6.71
N PRO A 851 -3.42 15.34 6.50
CA PRO A 851 -2.92 15.52 5.13
C PRO A 851 -2.54 14.20 4.49
N LEU A 852 -2.88 14.06 3.21
CA LEU A 852 -2.56 12.85 2.47
C LEU A 852 -1.08 12.80 2.14
N GLY A 853 -0.51 11.60 2.20
CA GLY A 853 0.87 11.39 1.80
C GLY A 853 1.86 11.73 2.90
N SER A 854 3.11 11.90 2.47
CA SER A 854 4.23 12.15 3.37
C SER A 854 4.54 13.64 3.42
N LYS A 855 5.42 14.00 4.36
CA LYS A 855 5.87 15.38 4.57
C LYS A 855 4.69 16.33 4.78
N GLY A 856 3.71 15.86 5.55
CA GLY A 856 2.54 16.68 5.84
C GLY A 856 2.84 17.90 6.69
N GLY A 857 3.95 17.90 7.39
CA GLY A 857 4.33 19.02 8.23
C GLY A 857 4.98 20.18 7.51
N VAL A 858 5.25 20.06 6.22
CA VAL A 858 5.81 21.14 5.42
C VAL A 858 4.87 21.58 4.32
N GLY A 859 3.61 21.12 4.35
CA GLY A 859 2.63 21.53 3.38
C GLY A 859 2.43 20.61 2.21
N TYR A 860 2.65 19.31 2.38
CA TYR A 860 2.49 18.33 1.30
C TYR A 860 1.16 17.62 1.46
N GLY A 861 0.36 17.62 0.38
CA GLY A 861 -0.90 16.91 0.39
C GLY A 861 -1.94 17.47 1.33
N TRP A 862 -2.09 18.79 1.37
CA TRP A 862 -3.09 19.42 2.22
C TRP A 862 -4.42 19.44 1.50
N VAL A 863 -5.40 18.72 2.06
CA VAL A 863 -6.71 18.62 1.43
C VAL A 863 -7.40 19.98 1.44
N ALA A 864 -8.00 20.34 0.30
CA ALA A 864 -8.72 21.60 0.18
C ALA A 864 -10.23 21.43 0.21
N GLY A 865 -10.74 20.23 -0.07
CA GLY A 865 -12.17 20.01 -0.04
C GLY A 865 -12.50 18.62 -0.51
N ILE A 866 -13.75 18.22 -0.29
CA ILE A 866 -14.27 16.93 -0.71
C ILE A 866 -15.64 17.13 -1.31
N SER A 867 -15.86 16.55 -2.49
CA SER A 867 -17.15 16.62 -3.18
C SER A 867 -17.66 15.19 -3.33
N ILE A 868 -18.65 14.83 -2.50
CA ILE A 868 -19.18 13.47 -2.53
C ILE A 868 -20.05 13.27 -3.78
N ASP A 869 -20.20 12.01 -4.16
CA ASP A 869 -21.03 11.68 -5.32
C ASP A 869 -22.48 12.03 -5.04
N ASP A 870 -23.17 12.52 -6.08
CA ASP A 870 -24.56 12.93 -5.91
C ASP A 870 -25.47 11.72 -5.72
N ASN A 871 -25.23 10.64 -6.46
CA ASN A 871 -26.10 9.47 -6.46
C ASN A 871 -25.57 8.45 -5.47
N VAL A 872 -26.24 8.37 -4.31
CA VAL A 872 -26.11 7.38 -3.22
C VAL A 872 -25.49 8.01 -1.97
N PRO A 873 -24.34 8.69 -2.04
CA PRO A 873 -23.83 9.37 -0.83
C PRO A 873 -24.73 10.49 -0.33
N ASP A 874 -25.67 10.97 -1.15
CA ASP A 874 -26.59 12.01 -0.69
C ASP A 874 -27.44 11.56 0.47
N ASP A 875 -27.67 10.24 0.61
CA ASP A 875 -28.40 9.73 1.77
C ASP A 875 -27.63 10.01 3.06
N PHE A 876 -26.32 9.82 3.04
CA PHE A 876 -25.48 10.15 4.19
C PHE A 876 -25.09 11.62 4.22
N LYS A 877 -25.41 12.38 3.17
CA LYS A 877 -25.09 13.81 3.15
C LYS A 877 -25.89 14.59 4.18
N GLU A 878 -26.95 14.00 4.75
CA GLU A 878 -27.69 14.67 5.80
C GLU A 878 -26.82 14.91 7.03
N MET A 879 -25.84 14.03 7.27
CA MET A 879 -24.90 14.20 8.37
C MET A 879 -23.64 14.95 7.96
N ILE A 880 -23.51 15.32 6.70
CA ILE A 880 -22.35 16.05 6.22
C ILE A 880 -22.74 17.02 5.11
N ASN A 896 -14.37 39.45 13.19
CA ASN A 896 -13.72 40.46 14.01
C ASN A 896 -12.53 41.07 13.30
N GLY A 897 -11.92 42.08 13.92
CA GLY A 897 -10.78 42.76 13.35
C GLY A 897 -9.54 41.89 13.32
N PRO A 898 -8.61 42.20 12.41
CA PRO A 898 -7.36 41.44 12.35
C PRO A 898 -6.55 41.57 13.62
N ILE A 899 -5.84 40.51 13.96
CA ILE A 899 -5.06 40.49 15.19
C ILE A 899 -3.83 41.37 15.03
N ASN A 900 -3.59 42.23 16.02
CA ASN A 900 -2.47 43.17 15.99
C ASN A 900 -1.69 43.10 17.29
N ASN A 901 -0.36 43.13 17.16
CA ASN A 901 0.55 43.18 18.31
C ASN A 901 1.11 44.58 18.42
N ASP A 902 1.05 45.15 19.62
CA ASP A 902 1.45 46.53 19.85
C ASP A 902 2.79 46.66 20.56
N TYR A 903 3.53 45.56 20.71
CA TYR A 903 4.82 45.62 21.40
C TYR A 903 5.87 46.25 20.48
N VAL A 904 6.53 47.29 20.98
CA VAL A 904 7.56 48.01 20.25
C VAL A 904 8.87 47.83 21.01
N HIS A 905 9.81 47.12 20.42
CA HIS A 905 11.11 46.93 21.05
C HIS A 905 11.94 48.20 20.90
N PRO A 906 12.57 48.69 21.97
CA PRO A 906 13.41 49.89 21.86
C PRO A 906 14.55 49.70 20.87
N GLY A 907 15.42 48.71 21.14
CA GLY A 907 16.52 48.36 20.26
C GLY A 907 17.33 49.52 19.74
N HIS A 908 17.47 50.58 20.54
CA HIS A 908 18.18 51.77 20.08
C HIS A 908 19.64 51.46 19.78
N GLN A 909 20.34 50.87 20.75
CA GLN A 909 21.75 50.48 20.61
C GLN A 909 22.59 51.60 20.04
N SER A 910 23.53 51.24 19.17
CA SER A 910 24.41 52.18 18.48
C SER A 910 23.77 52.88 17.30
N PRO A 911 23.05 52.18 16.41
CA PRO A 911 22.52 52.87 15.20
C PRO A 911 21.62 54.04 15.51
N LYS A 912 20.81 53.97 16.57
CA LYS A 912 19.94 55.08 16.91
C LYS A 912 20.77 56.27 17.37
N GLN A 913 20.29 57.47 17.03
CA GLN A 913 20.98 58.72 17.35
C GLN A 913 22.40 58.74 16.77
N ASP A 914 22.55 58.16 15.57
CA ASP A 914 23.83 58.14 14.89
C ASP A 914 23.66 58.39 13.39
N HIS A 915 22.68 59.21 13.02
CA HIS A 915 22.41 59.46 11.61
C HIS A 915 23.59 60.15 10.92
N LYS A 916 24.19 61.13 11.60
CA LYS A 916 25.30 61.87 11.01
C LYS A 916 26.63 61.14 11.11
N ASN A 917 26.68 60.02 11.83
CA ASN A 917 27.92 59.26 11.97
C ASN A 917 28.09 58.20 10.88
N LYS A 918 27.01 57.49 10.54
CA LYS A 918 27.02 56.45 9.51
C LYS A 918 28.06 55.37 9.83
N ASN A 919 27.84 54.70 10.96
CA ASN A 919 28.73 53.62 11.38
C ASN A 919 28.56 52.40 10.48
N ILE A 920 29.37 51.38 10.72
CA ILE A 920 29.35 50.14 9.95
C ILE A 920 29.19 48.98 10.91
N TYR A 921 28.24 48.09 10.64
CA TYR A 921 27.90 46.99 11.53
C TYR A 921 28.08 45.66 10.80
N TYR A 922 28.58 44.67 11.52
CA TYR A 922 28.83 43.36 10.94
C TYR A 922 27.50 42.70 10.57
N PRO A 923 27.38 42.14 9.37
CA PRO A 923 26.06 41.64 8.91
C PRO A 923 25.46 40.54 9.77
N HIS A 924 26.28 39.66 10.36
CA HIS A 924 25.75 38.59 11.19
C HIS A 924 26.36 38.67 12.57
N TYR A 925 25.52 38.46 13.59
CA TYR A 925 25.94 38.45 14.98
C TYR A 925 25.44 37.17 15.63
N PHE A 926 26.10 36.77 16.70
CA PHE A 926 25.86 35.49 17.35
C PHE A 926 25.08 35.71 18.64
N LEU A 927 24.00 34.93 18.81
CA LEU A 927 23.18 34.99 20.01
C LEU A 927 23.65 33.93 20.99
N ASP A 928 24.11 34.37 22.16
CA ASP A 928 24.55 33.47 23.22
C ASP A 928 23.51 33.45 24.32
N SER A 929 23.06 32.26 24.71
CA SER A 929 22.02 32.13 25.71
C SER A 929 22.33 31.03 26.72
N GLY A 930 23.61 30.74 26.94
CA GLY A 930 24.00 29.76 27.92
C GLY A 930 23.76 28.34 27.44
N SER A 931 23.89 27.41 28.38
CA SER A 931 23.75 25.98 28.13
C SER A 931 22.73 25.37 29.09
N LYS A 932 21.59 26.03 29.26
CA LYS A 932 20.52 25.57 30.13
C LYS A 932 19.32 25.22 29.26
N VAL A 933 18.97 23.93 29.24
CA VAL A 933 17.85 23.44 28.45
C VAL A 933 16.93 22.63 29.36
N TYR A 934 15.62 22.86 29.24
CA TYR A 934 14.62 22.12 29.99
C TYR A 934 13.97 21.10 29.07
N ARG A 935 14.20 19.82 29.35
CA ARG A 935 13.68 18.73 28.53
C ARG A 935 12.49 18.08 29.23
N GLU A 936 11.38 17.97 28.50
CA GLU A 936 10.14 17.43 29.06
C GLU A 936 10.06 15.93 28.80
N LYS A 937 9.97 15.14 29.86
CA LYS A 937 9.81 13.70 29.73
C LYS A 937 8.37 13.27 29.54
N ASP A 938 7.41 14.19 29.72
CA ASP A 938 5.99 13.89 29.48
C ASP A 938 5.65 14.30 28.05
N ILE A 939 6.13 13.50 27.11
CA ILE A 939 5.88 13.78 25.69
C ILE A 939 4.40 13.66 25.40
N ILE A 940 3.83 14.69 24.76
CA ILE A 940 2.42 14.68 24.42
C ILE A 940 2.18 13.71 23.28
N THR A 941 1.19 12.83 23.46
CA THR A 941 0.88 11.82 22.45
C THR A 941 -0.06 12.36 21.39
N HIS A 942 -0.13 11.65 20.27
CA HIS A 942 -1.08 11.92 19.21
C HIS A 942 -2.24 10.92 19.20
N GLU A 943 -2.39 10.16 20.29
CA GLU A 943 -3.43 9.13 20.33
C GLU A 943 -4.84 9.73 20.30
N GLU A 944 -5.03 10.85 21.00
CA GLU A 944 -6.36 11.44 21.12
C GLU A 944 -6.23 12.95 21.25
N PHE A 945 -7.32 13.64 20.92
CA PHE A 945 -7.42 15.09 21.10
C PHE A 945 -7.66 15.38 22.57
N THR A 946 -6.60 15.73 23.29
CA THR A 946 -6.72 16.02 24.72
C THR A 946 -7.59 17.25 24.93
N GLU A 947 -8.47 17.19 25.93
CA GLU A 947 -9.48 18.23 26.11
C GLU A 947 -8.85 19.55 26.54
N GLU A 948 -7.93 19.49 27.51
CA GLU A 948 -7.37 20.73 28.06
C GLU A 948 -6.39 21.42 27.11
N LEU A 949 -5.94 20.75 26.06
CA LEU A 949 -4.98 21.32 25.14
C LEU A 949 -5.69 21.87 23.90
N LEU A 950 -5.12 22.92 23.34
CA LEU A 950 -5.72 23.62 22.21
C LEU A 950 -5.29 22.99 20.89
N SER A 951 -6.15 23.13 19.88
CA SER A 951 -5.87 22.64 18.54
C SER A 951 -6.75 23.37 17.55
N GLY A 952 -6.19 23.75 16.41
CA GLY A 952 -6.94 24.49 15.41
C GLY A 952 -6.13 24.82 14.17
N LYS A 953 -6.26 26.06 13.69
CA LYS A 953 -5.57 26.48 12.48
C LYS A 953 -5.36 27.99 12.53
N ILE A 954 -4.15 28.43 12.16
CA ILE A 954 -3.80 29.85 12.12
C ILE A 954 -3.75 30.28 10.66
N ASN A 955 -4.46 31.36 10.33
CA ASN A 955 -4.43 31.94 8.99
C ASN A 955 -3.76 33.31 9.11
N CYS A 956 -2.58 33.44 8.51
CA CYS A 956 -1.75 34.62 8.69
C CYS A 956 -1.21 35.11 7.35
N LYS A 957 -0.94 36.41 7.28
CA LYS A 957 -0.42 37.05 6.08
C LYS A 957 1.07 37.32 6.24
N LEU A 958 1.83 37.08 5.17
CA LEU A 958 3.26 37.32 5.14
C LEU A 958 3.54 38.46 4.16
N GLU A 959 4.17 39.52 4.65
CA GLU A 959 4.50 40.69 3.85
C GLU A 959 6.00 40.89 3.82
N THR A 960 6.53 41.19 2.64
CA THR A 960 7.96 41.38 2.46
C THR A 960 8.31 42.86 2.53
N LEU A 961 9.29 43.19 3.38
CA LEU A 961 9.79 44.55 3.49
C LEU A 961 11.02 44.81 2.62
N THR A 962 11.71 43.76 2.21
CA THR A 962 12.87 43.82 1.34
C THR A 962 12.69 42.79 0.24
N PRO A 963 13.41 42.93 -0.87
CA PRO A 963 13.30 41.93 -1.95
C PRO A 963 13.55 40.52 -1.43
N LEU A 964 12.67 39.61 -1.82
CA LEU A 964 12.69 38.23 -1.36
C LEU A 964 13.16 37.33 -2.49
N ILE A 965 14.08 36.42 -2.17
CA ILE A 965 14.65 35.50 -3.14
C ILE A 965 14.40 34.08 -2.65
N ILE A 966 13.60 33.33 -3.39
CA ILE A 966 13.36 31.92 -3.15
C ILE A 966 13.71 31.17 -4.43
N PRO A 967 14.92 30.63 -4.53
CA PRO A 967 15.36 30.04 -5.79
C PRO A 967 14.68 28.72 -6.09
N ASP A 968 14.24 28.56 -7.34
CA ASP A 968 13.70 27.30 -7.83
C ASP A 968 14.87 26.43 -8.29
N THR A 969 15.50 25.77 -7.31
CA THR A 969 16.72 25.01 -7.55
C THR A 969 16.49 23.73 -8.36
N SER A 970 15.26 23.46 -8.79
CA SER A 970 15.01 22.28 -9.62
C SER A 970 15.76 22.39 -10.94
N ASP A 971 15.71 23.56 -11.56
CA ASP A 971 16.37 23.80 -12.85
C ASP A 971 17.37 24.94 -12.66
N GLU A 972 18.66 24.62 -12.73
CA GLU A 972 19.73 25.60 -12.54
C GLU A 972 19.88 26.54 -13.72
N ASN A 973 19.00 26.49 -14.71
CA ASN A 973 19.05 27.38 -15.87
C ASN A 973 17.66 27.90 -16.18
N GLY A 974 16.94 28.34 -15.15
CA GLY A 974 15.59 28.82 -15.34
C GLY A 974 15.53 30.05 -16.22
N LEU A 975 16.50 30.95 -16.08
CA LEU A 975 16.56 32.15 -16.91
C LEU A 975 17.20 31.90 -18.26
N LYS A 976 17.78 30.72 -18.48
CA LYS A 976 18.38 30.34 -19.77
C LYS A 976 19.48 31.31 -20.18
N LEU A 977 20.21 31.81 -19.20
CA LEU A 977 21.34 32.69 -19.45
C LEU A 977 22.68 31.96 -19.43
N GLN A 978 22.68 30.64 -19.27
CA GLN A 978 23.92 29.89 -19.24
C GLN A 978 24.59 29.80 -20.60
N GLY A 979 23.86 30.09 -21.68
CA GLY A 979 24.46 30.02 -23.00
C GLY A 979 25.59 31.01 -23.20
N ASN A 980 25.39 32.26 -22.76
CA ASN A 980 26.44 33.26 -22.89
C ASN A 980 27.56 33.02 -21.89
N LYS A 981 27.22 32.70 -20.65
CA LYS A 981 28.20 32.49 -19.58
C LYS A 981 27.98 31.12 -18.96
N PRO A 982 28.67 30.09 -19.48
CA PRO A 982 28.52 28.75 -18.91
C PRO A 982 29.05 28.68 -17.48
N GLY A 983 28.43 27.82 -16.69
CA GLY A 983 28.79 27.65 -15.30
C GLY A 983 28.19 28.66 -14.35
N HIS A 984 27.29 29.52 -14.83
CA HIS A 984 26.66 30.55 -14.01
C HIS A 984 25.22 30.13 -13.74
N LYS A 985 24.96 29.69 -12.51
CA LYS A 985 23.65 29.15 -12.17
C LYS A 985 22.57 30.23 -12.28
N ASN A 986 21.42 29.84 -12.81
CA ASN A 986 20.32 30.76 -13.07
C ASN A 986 19.03 30.12 -12.56
N TYR A 987 18.50 30.63 -11.45
CA TYR A 987 17.26 30.14 -10.89
C TYR A 987 16.15 31.17 -11.10
N LYS A 988 14.92 30.70 -10.93
CA LYS A 988 13.72 31.52 -10.89
C LYS A 988 13.12 31.46 -9.50
N PHE A 989 12.08 32.26 -9.29
CA PHE A 989 11.38 32.21 -8.02
C PHE A 989 10.53 30.94 -7.95
N PHE A 990 10.43 30.38 -6.75
CA PHE A 990 9.69 29.13 -6.57
C PHE A 990 8.25 29.30 -7.05
N ASN A 991 7.78 28.33 -7.83
CA ASN A 991 6.44 28.41 -8.38
C ASN A 991 5.97 27.01 -8.76
N ILE A 992 4.68 26.75 -8.57
CA ILE A 992 4.06 25.49 -8.91
C ILE A 992 2.98 25.78 -9.94
N ASN A 993 3.11 25.15 -11.12
CA ASN A 993 2.19 25.37 -12.24
C ASN A 993 2.12 26.84 -12.64
N GLY A 994 3.25 27.55 -12.54
CA GLY A 994 3.35 28.91 -13.02
C GLY A 994 2.89 29.99 -12.06
N GLU A 995 2.59 29.67 -10.81
CA GLU A 995 2.17 30.66 -9.83
C GLU A 995 3.16 30.68 -8.66
N LEU A 996 3.53 31.89 -8.25
CA LEU A 996 4.56 32.05 -7.23
C LEU A 996 4.04 31.61 -5.87
N MET A 997 4.89 30.92 -5.12
CA MET A 997 4.59 30.56 -3.74
C MET A 997 5.88 30.24 -3.00
N ILE A 998 5.81 30.30 -1.67
CA ILE A 998 6.95 30.01 -0.81
C ILE A 998 6.77 28.60 -0.25
N PRO A 999 7.82 27.77 -0.27
CA PRO A 999 7.68 26.42 0.29
C PRO A 999 7.35 26.47 1.78
N GLY A 1000 6.54 25.52 2.23
CA GLY A 1000 6.23 25.42 3.64
C GLY A 1000 7.40 24.95 4.48
N SER A 1001 8.37 24.27 3.87
CA SER A 1001 9.55 23.86 4.62
C SER A 1001 10.47 25.03 4.90
N GLU A 1002 10.48 26.04 4.04
CA GLU A 1002 11.30 27.22 4.29
C GLU A 1002 10.72 28.09 5.40
N LEU A 1003 9.39 28.14 5.51
CA LEU A 1003 8.77 28.81 6.65
C LEU A 1003 8.88 27.99 7.92
N ARG A 1004 8.91 26.66 7.80
CA ARG A 1004 9.06 25.81 8.98
C ARG A 1004 10.38 26.06 9.67
N GLY A 1005 11.49 26.01 8.92
CA GLY A 1005 12.80 26.27 9.50
C GLY A 1005 13.04 27.72 9.84
N MET A 1006 12.30 28.64 9.21
CA MET A 1006 12.41 30.05 9.56
C MET A 1006 11.75 30.35 10.90
N LEU A 1007 10.66 29.66 11.21
CA LEU A 1007 10.02 29.83 12.51
C LEU A 1007 10.61 28.92 13.57
N ARG A 1008 11.07 27.73 13.19
CA ARG A 1008 11.68 26.82 14.15
C ARG A 1008 12.96 27.42 14.74
N THR A 1009 13.79 28.01 13.88
CA THR A 1009 15.03 28.63 14.37
C THR A 1009 14.72 29.81 15.29
N HIS A 1010 13.71 30.61 14.93
CA HIS A 1010 13.30 31.69 15.83
C HIS A 1010 12.72 31.14 17.12
N PHE A 1011 11.90 30.08 17.03
CA PHE A 1011 11.30 29.50 18.22
C PHE A 1011 12.32 28.75 19.06
N GLU A 1012 13.30 28.10 18.43
CA GLU A 1012 14.32 27.38 19.20
C GLU A 1012 15.15 28.34 20.03
N ALA A 1013 15.55 29.47 19.46
CA ALA A 1013 16.31 30.46 20.22
C ALA A 1013 15.44 31.15 21.26
N LEU A 1014 14.15 31.33 20.96
CA LEU A 1014 13.25 31.98 21.90
C LEU A 1014 13.11 31.18 23.19
N THR A 1015 12.98 29.86 23.07
CA THR A 1015 12.77 28.99 24.22
C THR A 1015 14.05 28.32 24.70
N LYS A 1016 15.21 28.73 24.19
CA LYS A 1016 16.51 28.22 24.64
C LYS A 1016 16.60 26.71 24.50
N SER A 1017 16.20 26.21 23.34
CA SER A 1017 16.28 24.79 23.04
C SER A 1017 17.71 24.44 22.61
N CYS A 1018 17.91 23.22 22.12
CA CYS A 1018 19.23 22.77 21.71
C CYS A 1018 19.47 23.07 20.23
N PHE A 1019 20.71 22.87 19.80
CA PHE A 1019 21.09 23.03 18.39
C PHE A 1019 20.66 21.76 17.67
N ALA A 1020 19.42 21.78 17.16
CA ALA A 1020 18.82 20.56 16.62
C ALA A 1020 19.59 20.04 15.40
N ILE A 1021 20.05 20.93 14.53
CA ILE A 1021 20.66 20.52 13.27
C ILE A 1021 22.11 20.98 13.25
N PHE A 1022 22.74 20.99 14.41
CA PHE A 1022 24.17 21.28 14.48
C PHE A 1022 24.97 20.20 13.76
N GLY A 1023 26.08 20.61 13.16
CA GLY A 1023 26.93 19.68 12.45
C GLY A 1023 28.27 19.43 13.11
N GLU A 1024 28.44 18.24 13.69
CA GLU A 1024 29.67 17.86 14.35
C GLU A 1024 30.66 17.31 13.33
N ASP A 1025 31.73 16.69 13.82
CA ASP A 1025 32.75 15.98 13.04
C ASP A 1025 33.60 16.92 12.18
N SER A 1026 33.38 18.23 12.23
CA SER A 1026 34.19 19.19 11.50
C SER A 1026 35.28 19.72 12.42
N THR A 1027 36.52 19.69 11.95
CA THR A 1027 37.67 20.12 12.74
C THR A 1027 38.06 21.56 12.42
N LEU A 1028 38.95 22.10 13.23
CA LEU A 1028 39.42 23.46 13.09
C LEU A 1028 40.76 23.47 12.36
N SER A 1029 41.37 24.65 12.27
CA SER A 1029 42.66 24.79 11.61
C SER A 1029 43.57 25.74 12.37
N LYS A 1393 39.33 20.01 18.50
CA LYS A 1393 38.68 18.75 18.87
C LYS A 1393 37.24 18.71 18.37
N THR A 1394 37.05 19.16 17.12
CA THR A 1394 35.77 19.14 16.42
C THR A 1394 34.78 20.14 17.01
N LEU A 1395 33.91 20.70 16.17
CA LEU A 1395 32.90 21.63 16.66
C LEU A 1395 31.93 20.94 17.62
N GLY A 1396 31.55 19.70 17.30
CA GLY A 1396 30.64 18.97 18.17
C GLY A 1396 31.21 18.76 19.56
N GLY A 1397 32.51 18.47 19.64
CA GLY A 1397 33.15 18.31 20.94
C GLY A 1397 33.21 19.61 21.73
N LYS A 1398 33.40 20.74 21.04
CA LYS A 1398 33.47 22.02 21.73
C LYS A 1398 32.11 22.47 22.25
N LEU A 1399 31.03 22.10 21.56
CA LEU A 1399 29.69 22.48 22.01
C LEU A 1399 29.38 21.81 23.34
N ASP A 1400 28.63 22.51 24.19
CA ASP A 1400 28.25 21.98 25.48
C ASP A 1400 27.34 20.76 25.30
N LYS A 1401 27.49 19.79 26.19
CA LYS A 1401 26.74 18.54 26.08
C LYS A 1401 25.23 18.74 26.18
N ALA A 1402 24.79 19.82 26.84
CA ALA A 1402 23.37 20.07 26.97
C ALA A 1402 22.74 20.58 25.69
N LEU A 1403 23.52 21.13 24.76
CA LEU A 1403 22.99 21.71 23.53
C LEU A 1403 23.04 20.76 22.35
N HIS A 1404 23.50 19.52 22.53
CA HIS A 1404 23.52 18.57 21.45
C HIS A 1404 22.10 18.18 21.04
N PRO A 1405 21.90 17.78 19.78
CA PRO A 1405 20.55 17.43 19.33
C PRO A 1405 19.95 16.28 20.14
N CYS A 1406 18.63 16.35 20.31
CA CYS A 1406 17.92 15.34 21.08
C CYS A 1406 17.84 14.05 20.28
N THR A 1407 18.43 12.97 20.82
CA THR A 1407 18.44 11.70 20.10
C THR A 1407 17.15 10.93 20.30
N GLY A 1408 16.85 10.55 21.55
CA GLY A 1408 15.71 9.73 21.86
C GLY A 1408 14.75 10.43 22.82
N LEU A 1409 13.67 9.71 23.12
CA LEU A 1409 12.65 10.21 24.04
C LEU A 1409 12.91 9.78 25.48
N SER A 1410 14.00 9.07 25.75
CA SER A 1410 14.29 8.64 27.11
C SER A 1410 14.64 9.82 28.01
N ASP A 1411 15.53 10.69 27.54
CA ASP A 1411 15.96 11.84 28.32
C ASP A 1411 15.03 13.05 28.19
N GLY A 1412 14.12 13.05 27.24
CA GLY A 1412 13.19 14.14 27.04
C GLY A 1412 13.44 14.85 25.71
N LEU A 1413 12.63 15.88 25.49
CA LEU A 1413 12.70 16.68 24.27
C LEU A 1413 12.72 18.16 24.63
N CYS A 1414 13.43 18.94 23.81
CA CYS A 1414 13.55 20.36 24.02
C CYS A 1414 12.22 21.06 23.75
N PRO A 1415 12.03 22.26 24.30
CA PRO A 1415 10.79 23.00 23.98
C PRO A 1415 10.61 23.21 22.49
N GLY A 1416 11.68 23.48 21.76
CA GLY A 1416 11.58 23.58 20.31
C GLY A 1416 11.56 22.24 19.60
N CYS A 1417 12.06 21.19 20.25
CA CYS A 1417 12.04 19.84 19.73
C CYS A 1417 10.73 19.12 20.05
N HIS A 1418 9.85 19.76 20.79
CA HIS A 1418 8.61 19.14 21.25
C HIS A 1418 7.38 19.67 20.52
N LEU A 1419 7.48 20.86 19.92
CA LEU A 1419 6.42 21.35 19.04
C LEU A 1419 6.64 20.87 17.60
N PHE A 1420 7.76 21.25 17.00
CA PHE A 1420 8.06 20.84 15.64
C PHE A 1420 8.50 19.39 15.54
N GLY A 1421 8.93 18.80 16.65
CA GLY A 1421 9.25 17.40 16.70
C GLY A 1421 10.60 17.07 16.09
N THR A 1422 11.09 15.88 16.44
CA THR A 1422 12.33 15.36 15.88
C THR A 1422 12.07 13.96 15.33
N THR A 1423 13.13 13.23 15.00
CA THR A 1423 12.96 11.81 14.72
C THR A 1423 12.42 11.10 15.96
N ASP A 1424 11.55 10.12 15.73
CA ASP A 1424 10.86 9.32 16.74
C ASP A 1424 9.72 10.06 17.40
N TYR A 1425 9.35 11.25 16.94
CA TYR A 1425 8.20 11.97 17.47
C TYR A 1425 7.73 12.98 16.44
N LYS A 1426 6.55 12.74 15.86
CA LYS A 1426 6.00 13.66 14.88
C LYS A 1426 5.63 14.97 15.53
N GLY A 1427 5.99 16.08 14.87
CA GLY A 1427 5.71 17.38 15.43
C GLY A 1427 4.23 17.73 15.39
N ARG A 1428 3.83 18.63 16.27
CA ARG A 1428 2.43 19.01 16.41
C ARG A 1428 2.07 20.26 15.62
N VAL A 1429 3.01 20.84 14.89
CA VAL A 1429 2.80 22.08 14.14
C VAL A 1429 3.10 21.81 12.68
N LYS A 1430 2.14 22.13 11.82
CA LYS A 1430 2.26 21.92 10.38
C LYS A 1430 2.15 23.25 9.66
N PHE A 1431 3.11 23.53 8.78
CA PHE A 1431 3.17 24.78 8.04
C PHE A 1431 2.77 24.54 6.59
N GLY A 1432 1.79 25.31 6.11
CA GLY A 1432 1.33 25.18 4.74
C GLY A 1432 2.12 26.05 3.78
N PHE A 1433 1.91 25.77 2.48
CA PHE A 1433 2.57 26.55 1.45
C PHE A 1433 2.00 27.96 1.41
N ALA A 1434 2.86 28.93 1.11
CA ALA A 1434 2.49 30.35 1.14
C ALA A 1434 2.26 30.83 -0.29
N LYS A 1435 1.00 30.80 -0.71
CA LYS A 1435 0.65 31.30 -2.04
C LYS A 1435 0.71 32.82 -2.07
N TYR A 1436 0.79 33.36 -3.29
CA TYR A 1436 0.90 34.79 -3.52
C TYR A 1436 -0.47 35.36 -3.87
N GLU A 1437 -0.85 36.46 -3.21
CA GLU A 1437 -2.18 37.02 -3.37
C GLU A 1437 -2.17 38.40 -4.01
N ASN A 1438 -1.44 39.37 -3.47
CA ASN A 1438 -1.54 40.74 -3.93
C ASN A 1438 -0.20 41.45 -3.75
N GLY A 1439 -0.06 42.58 -4.42
CA GLY A 1439 1.14 43.38 -4.35
C GLY A 1439 1.81 43.54 -5.69
N PRO A 1440 2.86 44.36 -5.76
CA PRO A 1440 3.61 44.49 -7.00
C PRO A 1440 4.21 43.16 -7.43
N GLU A 1441 4.22 42.92 -8.74
CA GLU A 1441 4.56 41.57 -9.24
C GLU A 1441 6.05 41.29 -9.09
N TRP A 1442 6.89 42.09 -9.74
CA TRP A 1442 8.33 41.83 -9.73
C TRP A 1442 9.12 43.08 -9.37
N LEU A 1443 10.45 42.95 -9.42
CA LEU A 1443 11.36 44.09 -9.29
C LEU A 1443 11.84 44.43 -10.70
N ILE A 1444 11.49 45.63 -11.17
CA ILE A 1444 11.72 45.98 -12.57
C ILE A 1444 13.21 46.03 -12.88
N THR A 1445 13.97 46.75 -12.06
CA THR A 1445 15.41 46.95 -12.26
C THR A 1445 15.68 47.47 -13.68
N ARG A 1446 15.18 48.68 -13.92
CA ARG A 1446 15.26 49.28 -15.25
C ARG A 1446 16.72 49.37 -15.71
N GLY A 1447 16.97 48.93 -16.93
CA GLY A 1447 18.32 48.90 -17.47
C GLY A 1447 19.11 47.73 -16.92
N ASN A 1448 20.34 47.62 -17.43
CA ASN A 1448 21.28 46.59 -16.98
C ASN A 1448 20.70 45.19 -17.13
N ASN A 1449 20.14 44.66 -16.07
CA ASN A 1449 19.65 43.29 -16.06
C ASN A 1449 18.42 43.15 -16.97
N PRO A 1450 18.45 42.30 -17.98
CA PRO A 1450 17.30 42.16 -18.88
C PRO A 1450 16.09 41.49 -18.22
N GLU A 1451 16.30 40.34 -17.60
CA GLU A 1451 15.21 39.48 -17.15
C GLU A 1451 14.85 39.76 -15.69
N ARG A 1452 14.52 41.02 -15.41
CA ARG A 1452 13.97 41.50 -14.15
C ARG A 1452 14.58 40.83 -12.92
N SER A 1453 15.87 40.54 -12.97
CA SER A 1453 16.55 39.80 -11.91
C SER A 1453 17.72 40.62 -11.39
N LEU A 1454 18.31 40.13 -10.30
CA LEU A 1454 19.48 40.74 -9.68
C LEU A 1454 20.62 39.74 -9.66
N THR A 1455 21.76 40.12 -10.22
CA THR A 1455 22.95 39.28 -10.20
C THR A 1455 23.59 39.42 -8.82
N LEU A 1456 23.33 38.45 -7.94
CA LEU A 1456 23.82 38.53 -6.58
C LEU A 1456 25.34 38.42 -6.55
N GLY A 1457 25.93 39.01 -5.51
CA GLY A 1457 27.35 38.90 -5.30
C GLY A 1457 27.75 37.49 -4.88
N VAL A 1458 29.05 37.28 -4.75
CA VAL A 1458 29.57 35.98 -4.38
C VAL A 1458 29.14 35.66 -2.94
N LEU A 1459 28.61 34.47 -2.74
CA LEU A 1459 28.15 34.00 -1.43
C LEU A 1459 29.07 32.87 -0.99
N GLU A 1460 30.17 33.23 -0.34
CA GLU A 1460 31.14 32.25 0.10
C GLU A 1460 30.57 31.44 1.29
N SER A 1461 31.13 30.25 1.48
CA SER A 1461 30.71 29.40 2.56
C SER A 1461 31.11 30.02 3.90
N PRO A 1462 30.29 29.86 4.95
CA PRO A 1462 30.67 30.39 6.25
C PRO A 1462 31.92 29.72 6.78
N ARG A 1463 32.76 30.50 7.45
CA ARG A 1463 34.03 30.01 7.96
C ARG A 1463 34.01 30.01 9.48
N PRO A 1464 33.90 28.85 10.14
CA PRO A 1464 33.88 28.78 11.60
C PRO A 1464 35.26 28.93 12.24
N ALA A 1465 36.03 29.92 11.77
CA ALA A 1465 37.33 30.24 12.34
C ALA A 1465 37.45 31.67 12.83
N PHE A 1466 36.62 32.59 12.34
CA PHE A 1466 36.60 33.94 12.85
C PHE A 1466 35.95 34.01 14.23
N SER A 1467 35.14 33.02 14.59
CA SER A 1467 34.44 33.00 15.86
C SER A 1467 35.11 32.14 16.91
N ILE A 1468 35.97 31.20 16.51
CA ILE A 1468 36.69 30.34 17.44
C ILE A 1468 38.17 30.42 17.10
N PRO A 1469 38.83 31.57 17.35
CA PRO A 1469 40.25 31.69 16.97
C PRO A 1469 41.16 30.70 17.67
N ASP A 1470 40.87 30.35 18.93
CA ASP A 1470 41.73 29.48 19.71
C ASP A 1470 40.91 28.33 20.27
N ASP A 1471 41.61 27.25 20.63
CA ASP A 1471 40.94 26.07 21.19
C ASP A 1471 40.27 26.40 22.52
N GLU A 1472 40.80 27.38 23.25
CA GLU A 1472 40.20 27.76 24.53
C GLU A 1472 38.79 28.34 24.33
N SER A 1473 38.60 29.11 23.27
CA SER A 1473 37.31 29.73 23.02
C SER A 1473 36.25 28.67 22.69
N GLU A 1474 35.01 28.97 23.06
CA GLU A 1474 33.88 28.07 22.85
C GLU A 1474 32.99 28.60 21.73
N ILE A 1475 31.98 27.81 21.40
CA ILE A 1475 31.07 28.16 20.30
C ILE A 1475 30.21 29.34 20.72
N PRO A 1476 30.19 30.43 19.94
CA PRO A 1476 29.37 31.59 20.34
C PRO A 1476 27.89 31.29 20.43
N GLY A 1477 27.36 30.41 19.57
CA GLY A 1477 25.97 30.06 19.58
C GLY A 1477 25.34 30.27 18.22
N ARG A 1478 24.03 30.49 18.22
CA ARG A 1478 23.29 30.65 16.98
C ARG A 1478 23.72 31.93 16.25
N LYS A 1479 23.52 31.93 14.93
CA LYS A 1479 23.87 33.06 14.08
C LYS A 1479 22.61 33.68 13.49
N PHE A 1480 22.48 34.99 13.63
CA PHE A 1480 21.35 35.74 13.08
C PHE A 1480 21.87 36.90 12.25
N TYR A 1481 21.09 37.29 11.25
CA TYR A 1481 21.48 38.33 10.31
C TYR A 1481 20.68 39.60 10.58
N LEU A 1482 21.37 40.73 10.52
CA LEU A 1482 20.74 42.01 10.81
C LEU A 1482 19.78 42.40 9.69
N HIS A 1483 18.83 43.26 10.03
CA HIS A 1483 17.85 43.76 9.08
C HIS A 1483 18.33 45.10 8.52
N HIS A 1484 18.53 45.15 7.20
CA HIS A 1484 18.94 46.38 6.55
C HIS A 1484 18.57 46.29 5.08
N ASN A 1485 18.74 47.40 4.37
CA ASN A 1485 18.46 47.50 2.94
C ASN A 1485 19.73 47.72 2.14
N GLY A 1486 20.80 47.01 2.49
CA GLY A 1486 22.04 47.07 1.75
C GLY A 1486 22.00 46.43 0.39
N TRP A 1487 20.89 45.80 0.01
CA TRP A 1487 20.74 45.25 -1.32
C TRP A 1487 20.76 46.33 -2.40
N ARG A 1488 20.51 47.59 -2.03
CA ARG A 1488 20.57 48.68 -2.99
C ARG A 1488 21.98 48.86 -3.55
N ILE A 1489 22.99 48.47 -2.79
CA ILE A 1489 24.36 48.49 -3.31
C ILE A 1489 24.50 47.50 -4.46
N ILE A 1490 23.93 46.30 -4.29
CA ILE A 1490 23.96 45.30 -5.36
C ILE A 1490 23.16 45.78 -6.56
N ARG A 1491 21.99 46.38 -6.31
CA ARG A 1491 21.11 46.77 -7.41
C ARG A 1491 21.66 47.97 -8.18
N GLN A 1492 22.14 48.99 -7.46
CA GLN A 1492 22.57 50.23 -8.11
C GLN A 1492 23.93 50.09 -8.81
N LYS A 1493 24.64 49.00 -8.59
CA LYS A 1493 25.95 48.78 -9.21
C LYS A 1493 26.00 47.42 -9.89
N GLN A 1494 24.92 47.04 -10.56
CA GLN A 1494 24.82 45.70 -11.15
C GLN A 1494 25.90 45.46 -12.21
N LEU A 1495 26.24 46.50 -12.99
CA LEU A 1495 27.28 46.34 -14.00
C LEU A 1495 28.64 46.04 -13.40
N GLU A 1496 28.85 46.34 -12.12
CA GLU A 1496 30.14 46.09 -11.50
C GLU A 1496 30.35 44.61 -11.18
N ILE A 1497 29.30 43.92 -10.75
CA ILE A 1497 29.45 42.53 -10.32
C ILE A 1497 29.60 41.60 -11.51
N ARG A 1498 28.60 41.57 -12.39
CA ARG A 1498 28.56 40.56 -13.44
C ARG A 1498 29.63 40.77 -14.50
N GLU A 1499 30.22 41.97 -14.59
CA GLU A 1499 31.24 42.25 -15.59
C GLU A 1499 32.66 42.15 -15.02
N THR A 1500 32.94 42.84 -13.92
CA THR A 1500 34.27 42.86 -13.33
C THR A 1500 34.28 41.94 -12.11
N VAL A 1501 35.24 41.01 -12.08
CA VAL A 1501 35.47 40.09 -10.96
C VAL A 1501 34.30 39.13 -10.83
N GLN A 1502 34.54 37.98 -10.19
CA GLN A 1502 33.52 36.95 -9.95
C GLN A 1502 32.92 36.47 -11.26
N PRO A 1503 33.70 35.73 -12.07
CA PRO A 1503 33.23 35.35 -13.41
C PRO A 1503 32.00 34.45 -13.43
N GLU A 1504 32.08 33.31 -12.75
CA GLU A 1504 31.03 32.31 -12.87
C GLU A 1504 30.65 31.65 -11.55
N ARG A 1505 31.05 32.21 -10.40
CA ARG A 1505 30.65 31.68 -9.10
C ARG A 1505 29.53 32.49 -8.46
N ASN A 1506 28.87 33.35 -9.23
CA ASN A 1506 27.75 34.13 -8.76
C ASN A 1506 26.44 33.39 -9.06
N VAL A 1507 25.32 34.08 -8.90
CA VAL A 1507 24.02 33.49 -9.17
C VAL A 1507 23.06 34.59 -9.58
N THR A 1508 22.25 34.32 -10.60
CA THR A 1508 21.25 35.25 -11.10
C THR A 1508 19.87 34.66 -10.81
N THR A 1509 19.10 35.35 -9.96
CA THR A 1509 17.78 34.86 -9.54
C THR A 1509 16.76 35.98 -9.64
N GLU A 1510 15.53 35.60 -9.97
CA GLU A 1510 14.43 36.55 -9.96
C GLU A 1510 14.09 36.96 -8.55
N VAL A 1511 13.79 38.26 -8.36
CA VAL A 1511 13.48 38.80 -7.06
C VAL A 1511 12.15 39.56 -7.15
N MET A 1512 11.46 39.65 -6.02
CA MET A 1512 10.19 40.35 -5.94
C MET A 1512 10.35 41.61 -5.10
N ASP A 1513 9.73 42.71 -5.56
CA ASP A 1513 9.82 43.97 -4.85
C ASP A 1513 9.03 43.90 -3.55
N LYS A 1514 9.38 44.80 -2.63
CA LYS A 1514 8.70 44.85 -1.34
C LYS A 1514 7.25 45.30 -1.51
N GLY A 1515 6.38 44.75 -0.66
CA GLY A 1515 4.97 45.09 -0.65
C GLY A 1515 4.03 43.98 -1.02
N ASN A 1516 4.52 42.77 -1.27
CA ASN A 1516 3.66 41.65 -1.58
C ASN A 1516 3.07 41.05 -0.30
N VAL A 1517 2.03 40.25 -0.46
CA VAL A 1517 1.38 39.57 0.66
C VAL A 1517 1.23 38.10 0.32
N PHE A 1518 1.60 37.23 1.26
CA PHE A 1518 1.52 35.79 1.10
C PHE A 1518 0.67 35.21 2.22
N SER A 1519 -0.23 34.29 1.87
CA SER A 1519 -1.15 33.69 2.82
C SER A 1519 -0.77 32.23 3.02
N PHE A 1520 -0.32 31.89 4.21
CA PHE A 1520 -0.01 30.50 4.56
C PHE A 1520 -0.64 30.14 5.89
N ASP A 1521 -1.14 28.92 5.99
CA ASP A 1521 -1.85 28.44 7.17
C ASP A 1521 -0.93 27.59 8.03
N VAL A 1522 -0.94 27.84 9.33
CA VAL A 1522 -0.14 27.06 10.26
C VAL A 1522 -1.05 26.21 11.13
N ARG A 1523 -1.30 24.97 10.69
CA ARG A 1523 -2.15 24.08 11.46
C ARG A 1523 -1.41 23.57 12.68
N PHE A 1524 -2.05 23.64 13.85
CA PHE A 1524 -1.47 23.19 15.10
C PHE A 1524 -2.42 22.22 15.77
N GLU A 1525 -1.85 21.23 16.46
CA GLU A 1525 -2.61 20.15 17.06
C GLU A 1525 -2.13 19.90 18.48
N ASN A 1526 -3.07 19.84 19.42
CA ASN A 1526 -2.80 19.45 20.80
C ASN A 1526 -1.74 20.33 21.46
N LEU A 1527 -1.69 21.60 21.08
CA LEU A 1527 -0.76 22.52 21.72
C LEU A 1527 -1.23 22.86 23.13
N ARG A 1528 -0.27 23.01 24.04
CA ARG A 1528 -0.60 23.38 25.41
C ARG A 1528 -0.99 24.85 25.50
N GLU A 1529 -1.31 25.27 26.72
CA GLU A 1529 -1.87 26.61 26.93
C GLU A 1529 -0.87 27.69 26.56
N TRP A 1530 0.40 27.54 26.95
CA TRP A 1530 1.41 28.53 26.64
C TRP A 1530 2.12 28.25 25.32
N GLU A 1531 2.12 27.00 24.85
CA GLU A 1531 2.76 26.69 23.58
C GLU A 1531 2.10 27.44 22.43
N LEU A 1532 0.79 27.72 22.56
CA LEU A 1532 0.11 28.51 21.53
C LEU A 1532 0.50 29.98 21.63
N GLY A 1533 0.74 30.48 22.85
CA GLY A 1533 1.18 31.86 22.99
C GLY A 1533 2.57 32.07 22.41
N LEU A 1534 3.48 31.12 22.62
CA LEU A 1534 4.82 31.23 22.04
C LEU A 1534 4.76 31.21 20.52
N LEU A 1535 3.91 30.35 19.95
CA LEU A 1535 3.79 30.27 18.50
C LEU A 1535 3.27 31.57 17.92
N LEU A 1536 2.16 32.09 18.46
CA LEU A 1536 1.60 33.34 17.95
C LEU A 1536 2.55 34.51 18.19
N GLN A 1537 3.38 34.42 19.23
CA GLN A 1537 4.41 35.45 19.41
C GLN A 1537 5.53 35.28 18.40
N SER A 1538 5.85 34.03 18.05
CA SER A 1538 6.89 33.79 17.05
C SER A 1538 6.46 34.27 15.67
N LEU A 1539 5.21 34.01 15.29
CA LEU A 1539 4.73 34.48 13.98
C LEU A 1539 4.68 36.00 13.92
N ASP A 1540 4.17 36.64 14.97
CA ASP A 1540 4.03 38.10 15.01
C ASP A 1540 4.73 38.62 16.27
N PRO A 1541 6.04 38.85 16.19
CA PRO A 1541 6.78 39.32 17.37
C PRO A 1541 6.39 40.73 17.82
N GLY A 1542 5.71 41.49 16.98
CA GLY A 1542 5.26 42.82 17.32
C GLY A 1542 5.62 43.81 16.24
N LYS A 1543 5.51 45.10 16.58
CA LYS A 1543 5.90 46.15 15.65
C LYS A 1543 7.41 46.19 15.51
N ASN A 1544 7.86 46.84 14.43
CA ASN A 1544 9.25 47.08 14.07
C ASN A 1544 10.17 45.87 14.31
N ILE A 1545 9.62 44.66 14.17
CA ILE A 1545 10.40 43.44 14.24
C ILE A 1545 9.95 42.53 13.10
N ALA A 1546 10.92 41.94 12.40
CA ALA A 1546 10.63 41.13 11.23
C ALA A 1546 11.62 39.99 11.13
N HIS A 1547 11.27 38.98 10.34
CA HIS A 1547 12.09 37.79 10.15
C HIS A 1547 12.85 37.89 8.83
N LYS A 1548 13.94 37.12 8.76
CA LYS A 1548 14.76 37.02 7.56
C LYS A 1548 14.48 35.71 6.85
N LEU A 1549 14.15 35.80 5.56
CA LEU A 1549 13.78 34.62 4.78
C LEU A 1549 14.40 34.71 3.39
N GLY A 1550 14.89 33.58 2.90
CA GLY A 1550 15.38 33.49 1.53
C GLY A 1550 16.88 33.74 1.42
N LYS A 1551 17.39 33.49 0.22
CA LYS A 1551 18.80 33.65 -0.06
C LYS A 1551 19.21 35.12 -0.02
N GLY A 1552 20.48 35.35 0.28
CA GLY A 1552 21.00 36.71 0.32
C GLY A 1552 20.72 37.47 1.60
N LYS A 1553 20.56 36.76 2.72
CA LYS A 1553 20.31 37.44 3.99
C LYS A 1553 21.40 38.43 4.37
N PRO A 1554 22.70 38.15 4.22
CA PRO A 1554 23.70 39.18 4.56
C PRO A 1554 23.58 40.45 3.74
N TYR A 1555 22.98 40.39 2.55
CA TYR A 1555 22.79 41.56 1.71
C TYR A 1555 21.49 42.29 1.99
N GLY A 1556 20.72 41.85 2.98
CA GLY A 1556 19.45 42.48 3.27
C GLY A 1556 18.30 42.03 2.41
N PHE A 1557 18.33 40.78 1.94
CA PHE A 1557 17.30 40.24 1.07
C PHE A 1557 16.29 39.45 1.90
N GLY A 1558 15.01 39.69 1.66
CA GLY A 1558 13.97 38.90 2.28
C GLY A 1558 13.73 39.16 3.75
N SER A 1559 13.26 40.36 4.09
CA SER A 1559 12.84 40.68 5.45
C SER A 1559 11.32 40.63 5.51
N VAL A 1560 10.81 39.42 5.74
CA VAL A 1560 9.36 39.19 5.73
C VAL A 1560 8.76 39.68 7.05
N LYS A 1561 7.55 40.22 6.97
CA LYS A 1561 6.81 40.72 8.13
C LYS A 1561 5.50 39.96 8.22
N ILE A 1562 5.41 39.01 9.15
CA ILE A 1562 4.26 38.12 9.26
C ILE A 1562 3.25 38.73 10.21
N LYS A 1563 1.99 38.78 9.78
CA LYS A 1563 0.88 39.22 10.60
C LYS A 1563 -0.21 38.16 10.60
N ILE A 1564 -0.76 37.89 11.79
CA ILE A 1564 -1.82 36.90 11.93
C ILE A 1564 -3.15 37.55 11.56
N ASP A 1565 -3.87 36.92 10.62
CA ASP A 1565 -5.13 37.47 10.14
C ASP A 1565 -6.28 37.00 11.03
N SER A 1566 -6.42 35.69 11.22
CA SER A 1566 -7.49 35.14 12.03
C SER A 1566 -7.06 33.80 12.59
N LEU A 1567 -7.34 33.57 13.87
CA LEU A 1567 -7.04 32.32 14.55
C LEU A 1567 -8.32 31.52 14.74
N HIS A 1568 -8.29 30.26 14.33
CA HIS A 1568 -9.43 29.35 14.45
C HIS A 1568 -9.06 28.21 15.38
N THR A 1569 -10.00 27.84 16.26
CA THR A 1569 -9.77 26.77 17.22
C THR A 1569 -11.06 25.99 17.42
N PHE A 1570 -11.00 24.68 17.17
CA PHE A 1570 -12.13 23.79 17.37
C PHE A 1570 -11.89 22.93 18.61
N LYS A 1571 -12.96 22.29 19.07
CA LYS A 1571 -12.89 21.46 20.27
C LYS A 1571 -13.86 20.29 20.14
N ILE A 1572 -13.48 19.15 20.72
CA ILE A 1572 -14.35 17.98 20.73
C ILE A 1572 -15.42 18.17 21.80
N ASN A 1573 -16.68 17.99 21.39
CA ASN A 1573 -17.80 18.18 22.31
C ASN A 1573 -18.95 17.30 21.87
N SER A 1574 -19.85 17.02 22.82
CA SER A 1574 -21.05 16.24 22.51
C SER A 1574 -21.95 16.98 21.53
N ASN A 1575 -22.04 18.30 21.66
CA ASN A 1575 -22.86 19.10 20.77
C ASN A 1575 -22.30 19.19 19.35
N ASN A 1576 -21.08 18.71 19.13
CA ASN A 1576 -20.43 18.74 17.82
C ASN A 1576 -20.35 20.17 17.28
N ASP A 1577 -19.92 21.09 18.15
CA ASP A 1577 -19.75 22.48 17.74
C ASP A 1577 -18.67 22.58 16.67
N LYS A 1578 -18.89 23.47 15.71
CA LYS A 1578 -17.98 23.64 14.59
C LYS A 1578 -16.79 24.48 15.02
N ILE A 1579 -15.96 24.87 14.05
CA ILE A 1579 -14.77 25.66 14.36
C ILE A 1579 -15.17 27.08 14.72
N LYS A 1580 -14.67 27.55 15.85
CA LYS A 1580 -14.94 28.90 16.34
C LYS A 1580 -13.64 29.69 16.38
N ARG A 1581 -13.66 30.91 15.86
CA ARG A 1581 -12.48 31.77 15.86
C ARG A 1581 -12.42 32.53 17.18
N VAL A 1582 -11.32 32.36 17.91
CA VAL A 1582 -11.15 33.00 19.20
C VAL A 1582 -11.03 34.50 19.00
N PRO A 1583 -11.50 35.31 19.94
CA PRO A 1583 -11.37 36.77 19.82
C PRO A 1583 -9.96 37.22 20.20
N GLN A 1584 -9.74 38.53 20.10
CA GLN A 1584 -8.44 39.09 20.45
C GLN A 1584 -8.16 38.92 21.94
N SER A 1585 -9.20 38.88 22.78
CA SER A 1585 -9.00 38.73 24.22
C SER A 1585 -8.34 37.39 24.55
N ASP A 1586 -8.80 36.31 23.91
CA ASP A 1586 -8.18 35.01 24.15
C ASP A 1586 -6.74 34.99 23.66
N ILE A 1587 -6.48 35.56 22.49
CA ILE A 1587 -5.12 35.63 21.96
C ILE A 1587 -4.23 36.45 22.88
N ARG A 1588 -4.74 37.60 23.35
CA ARG A 1588 -3.99 38.38 24.32
C ARG A 1588 -3.78 37.61 25.62
N GLU A 1589 -4.73 36.75 25.97
CA GLU A 1589 -4.54 35.89 27.14
C GLU A 1589 -3.56 34.77 26.84
N TYR A 1590 -3.63 34.21 25.63
CA TYR A 1590 -2.73 33.13 25.25
C TYR A 1590 -1.28 33.59 25.26
N ILE A 1591 -1.02 34.77 24.70
CA ILE A 1591 0.34 35.29 24.65
C ILE A 1591 0.85 35.60 26.05
N ASN A 1592 0.00 36.19 26.89
CA ASN A 1592 0.42 36.53 28.25
C ASN A 1592 0.78 35.28 29.04
N LYS A 1593 0.01 34.21 28.88
CA LYS A 1593 0.34 32.96 29.54
C LYS A 1593 1.65 32.39 29.00
N GLY A 1594 1.92 32.58 27.72
CA GLY A 1594 3.19 32.16 27.16
C GLY A 1594 4.36 32.92 27.75
N TYR A 1595 4.17 34.22 28.02
CA TYR A 1595 5.22 35.00 28.65
C TYR A 1595 5.54 34.50 30.04
N GLN A 1596 4.51 34.07 30.78
CA GLN A 1596 4.73 33.56 32.14
C GLN A 1596 5.63 32.33 32.14
N LYS A 1597 5.64 31.56 31.04
CA LYS A 1597 6.51 30.39 30.98
C LYS A 1597 7.97 30.78 30.85
N LEU A 1598 8.27 31.79 30.03
CA LEU A 1598 9.66 32.19 29.83
C LEU A 1598 10.28 32.70 31.11
N ILE A 1599 9.57 33.55 31.85
CA ILE A 1599 10.10 34.06 33.10
C ILE A 1599 10.20 32.94 34.14
N GLU A 1600 9.28 31.97 34.09
CA GLU A 1600 9.36 30.84 35.02
C GLU A 1600 10.63 30.02 34.80
N TRP A 1601 10.99 29.78 33.54
CA TRP A 1601 12.20 29.01 33.27
C TRP A 1601 13.46 29.78 33.71
N SER A 1602 13.49 31.09 33.47
CA SER A 1602 14.65 31.88 33.88
C SER A 1602 14.81 31.90 35.39
N GLY A 1603 13.71 32.03 36.13
CA GLY A 1603 13.76 32.06 37.58
C GLY A 1603 13.67 33.45 38.16
N VAL A 1612 0.73 45.78 32.39
CA VAL A 1612 -0.30 44.91 31.85
C VAL A 1612 0.25 44.10 30.68
N LEU A 1613 0.47 44.80 29.56
CA LEU A 1613 1.01 44.14 28.38
C LEU A 1613 2.45 43.70 28.66
N PRO A 1614 2.85 42.51 28.23
CA PRO A 1614 4.20 42.03 28.54
C PRO A 1614 5.27 42.83 27.83
N GLN A 1615 6.44 42.91 28.47
CA GLN A 1615 7.63 43.56 27.91
C GLN A 1615 8.71 42.50 27.79
N TRP A 1616 8.92 41.99 26.57
CA TRP A 1616 9.84 40.89 26.37
C TRP A 1616 11.31 41.29 26.53
N HIS A 1617 11.60 42.58 26.51
CA HIS A 1617 12.99 43.04 26.60
C HIS A 1617 13.54 43.02 28.01
N VAL A 1618 12.87 42.33 28.94
CA VAL A 1618 13.37 42.19 30.30
C VAL A 1618 14.27 40.96 30.43
N ILE A 1619 13.90 39.86 29.79
CA ILE A 1619 14.72 38.66 29.83
C ILE A 1619 16.02 38.89 29.07
N PRO A 1620 17.18 38.57 29.65
CA PRO A 1620 18.45 38.92 28.97
C PRO A 1620 18.61 38.28 27.59
N HIS A 1621 18.15 37.05 27.40
CA HIS A 1621 18.40 36.38 26.12
C HIS A 1621 17.38 36.78 25.05
N ILE A 1622 16.15 37.11 25.45
CA ILE A 1622 15.17 37.58 24.48
C ILE A 1622 15.56 38.97 23.97
N ASP A 1623 16.10 39.81 24.85
CA ASP A 1623 16.51 41.15 24.44
C ASP A 1623 17.58 41.10 23.36
N LYS A 1624 18.56 40.21 23.51
CA LYS A 1624 19.57 40.03 22.47
C LYS A 1624 18.94 39.50 21.18
N LEU A 1625 18.00 38.56 21.31
CA LEU A 1625 17.34 37.99 20.14
C LEU A 1625 16.54 39.05 19.39
N TYR A 1626 15.79 39.88 20.11
CA TYR A 1626 14.92 40.85 19.44
C TYR A 1626 15.69 42.03 18.88
N LYS A 1627 16.90 42.29 19.36
CA LYS A 1627 17.74 43.31 18.72
C LYS A 1627 18.14 42.89 17.31
N LEU A 1628 18.47 41.60 17.14
CA LEU A 1628 18.85 41.11 15.82
C LEU A 1628 17.66 41.17 14.84
N LEU A 1629 16.46 40.85 15.32
CA LEU A 1629 15.28 40.88 14.47
C LEU A 1629 14.67 42.27 14.37
N TRP A 1630 15.22 43.26 15.07
CA TRP A 1630 14.71 44.62 14.99
C TRP A 1630 15.00 45.21 13.61
N VAL A 1631 13.99 45.82 13.00
CA VAL A 1631 14.11 46.45 11.69
C VAL A 1631 14.09 47.96 11.89
N PRO A 1632 15.12 48.68 11.46
CA PRO A 1632 15.18 50.13 11.73
C PRO A 1632 14.45 50.98 10.70
N PHE A 1633 14.32 50.48 9.47
CA PHE A 1633 13.81 51.27 8.36
C PHE A 1633 12.30 51.12 8.15
N LEU A 1634 11.61 50.39 9.03
CA LEU A 1634 10.17 50.17 8.83
C LEU A 1634 9.39 51.46 8.98
N ASN A 1635 9.45 52.08 10.16
CA ASN A 1635 8.78 53.35 10.42
C ASN A 1635 9.75 54.49 10.71
N ASP A 1636 10.87 54.20 11.37
CA ASP A 1636 11.88 55.21 11.67
C ASP A 1636 12.68 55.45 10.39
N SER A 1637 12.14 56.33 9.54
CA SER A 1637 12.71 56.53 8.21
C SER A 1637 14.12 57.13 8.26
N LYS A 1638 14.42 57.92 9.28
CA LYS A 1638 15.70 58.60 9.34
C LYS A 1638 16.88 57.63 9.46
N LEU A 1639 16.63 56.40 9.91
CA LEU A 1639 17.70 55.43 10.09
C LEU A 1639 18.00 54.69 8.80
N GLU A 1640 19.28 54.44 8.56
CA GLU A 1640 19.75 53.70 7.39
C GLU A 1640 21.15 53.15 7.68
N PRO A 1641 21.25 52.11 8.51
CA PRO A 1641 22.58 51.60 8.89
C PRO A 1641 23.33 51.03 7.69
N ASP A 1642 24.65 51.21 7.74
CA ASP A 1642 25.54 50.65 6.71
C ASP A 1642 26.03 49.29 7.22
N VAL A 1643 25.62 48.23 6.53
CA VAL A 1643 25.89 46.86 6.96
C VAL A 1643 26.63 46.16 5.83
N ARG A 1644 27.90 45.82 6.07
CA ARG A 1644 28.73 45.18 5.06
C ARG A 1644 29.77 44.30 5.74
N TYR A 1645 30.25 43.31 4.98
CA TYR A 1645 31.44 42.56 5.37
C TYR A 1645 32.69 43.35 5.03
N PRO A 1646 33.67 43.39 5.92
CA PRO A 1646 34.95 44.03 5.58
C PRO A 1646 35.68 43.25 4.50
N VAL A 1647 36.41 43.97 3.65
CA VAL A 1647 37.19 43.35 2.59
C VAL A 1647 38.49 42.82 3.18
N LEU A 1648 39.19 41.96 2.44
CA LEU A 1648 40.45 41.42 2.93
C LEU A 1648 41.56 42.44 2.73
N ASN A 1649 41.87 42.76 1.48
CA ASN A 1649 42.72 43.91 1.13
C ASN A 1649 42.73 44.15 -0.38
N GLU A 1650 42.97 45.39 -0.79
CA GLU A 1650 43.17 45.76 -2.20
C GLU A 1650 41.99 45.33 -3.07
N GLU A 1651 40.79 45.28 -2.50
CA GLU A 1651 39.58 44.95 -3.25
C GLU A 1651 38.62 46.13 -3.28
N SER A 1652 38.20 46.64 -2.12
CA SER A 1652 37.38 47.85 -2.06
C SER A 1652 37.62 48.48 -0.69
N LYS A 1653 38.48 49.51 -0.65
CA LYS A 1653 38.86 50.15 0.61
C LYS A 1653 38.46 51.62 0.65
N GLY A 1654 37.50 52.02 -0.18
CA GLY A 1654 37.04 53.40 -0.20
C GLY A 1654 36.15 53.74 0.98
N ASP A 1660 41.40 50.17 8.37
CA ASP A 1660 40.14 50.85 8.10
C ASP A 1660 39.10 49.87 7.57
N TYR A 1661 38.58 49.03 8.47
CA TYR A 1661 37.57 48.02 8.14
C TYR A 1661 38.06 47.08 7.04
N THR A 1662 39.22 46.47 7.30
CA THR A 1662 39.80 45.49 6.40
C THR A 1662 40.23 44.27 7.19
N TYR A 1663 40.06 43.08 6.59
CA TYR A 1663 40.54 41.86 7.23
C TYR A 1663 42.05 41.79 7.29
N LYS A 1664 42.76 42.69 6.61
CA LYS A 1664 44.22 42.69 6.67
C LYS A 1664 44.70 42.90 8.10
N LYS A 1665 44.08 43.83 8.83
CA LYS A 1665 44.33 44.00 10.27
C LYS A 1665 42.99 44.02 10.99
N LEU A 1666 42.44 42.83 11.23
CA LEU A 1666 41.40 42.63 12.23
C LEU A 1666 41.57 41.38 13.06
N GLY A 1667 42.32 40.37 12.59
CA GLY A 1667 42.57 39.18 13.35
C GLY A 1667 43.90 39.22 14.08
N ASP A 1668 44.68 40.26 13.79
CA ASP A 1668 45.97 40.42 14.46
C ASP A 1668 45.76 40.69 15.95
N LYS A 1669 46.52 39.99 16.78
CA LYS A 1669 46.40 40.16 18.23
C LYS A 1669 46.82 41.56 18.68
N ASP A 1670 47.63 42.25 17.89
CA ASP A 1670 48.08 43.59 18.28
C ASP A 1670 46.93 44.59 18.22
N ASN A 1671 46.12 44.55 17.16
CA ASN A 1671 45.04 45.52 17.00
C ASN A 1671 43.81 45.11 17.80
N LEU A 1672 43.24 43.95 17.49
CA LEU A 1672 42.05 43.45 18.17
C LEU A 1672 42.34 42.06 18.72
N PRO A 1673 42.49 41.90 20.02
CA PRO A 1673 42.75 40.58 20.59
C PRO A 1673 41.55 39.65 20.40
N TYR A 1674 41.83 38.34 20.51
CA TYR A 1674 40.79 37.35 20.28
C TYR A 1674 39.63 37.51 21.24
N LYS A 1675 39.92 37.74 22.52
CA LYS A 1675 38.86 37.86 23.52
C LYS A 1675 37.96 39.07 23.28
N THR A 1676 38.40 40.03 22.48
CA THR A 1676 37.59 41.22 22.21
C THR A 1676 36.67 41.04 21.00
N ARG A 1677 37.17 40.45 19.91
CA ARG A 1677 36.35 40.31 18.72
C ARG A 1677 35.24 39.29 18.92
N VAL A 1678 35.44 38.29 19.76
CA VAL A 1678 34.36 37.36 20.09
C VAL A 1678 33.25 38.08 20.84
N LYS A 1679 33.63 38.97 21.77
CA LYS A 1679 32.63 39.78 22.45
C LYS A 1679 31.96 40.76 21.49
N GLY A 1680 32.67 41.18 20.45
CA GLY A 1680 32.07 42.04 19.45
C GLY A 1680 31.17 41.33 18.47
N LEU A 1681 31.29 40.02 18.37
CA LEU A 1681 30.41 39.21 17.53
C LEU A 1681 29.17 38.73 18.25
N THR A 1682 29.11 38.88 19.57
CA THR A 1682 27.98 38.42 20.35
C THR A 1682 26.96 39.52 20.66
N THR A 1683 27.41 40.76 20.81
CA THR A 1683 26.50 41.86 21.07
C THR A 1683 25.92 42.38 19.75
N PRO A 1684 24.61 42.30 19.53
CA PRO A 1684 24.05 42.75 18.25
C PRO A 1684 24.26 44.25 18.04
N TRP A 1685 24.39 44.62 16.76
CA TRP A 1685 24.54 46.01 16.34
C TRP A 1685 25.72 46.69 17.02
N SER A 1686 26.82 45.98 17.16
CA SER A 1686 28.06 46.56 17.65
C SER A 1686 28.85 47.11 16.47
N PRO A 1687 29.15 48.41 16.45
CA PRO A 1687 29.81 48.99 15.27
C PRO A 1687 31.25 48.51 15.15
N TRP A 1688 31.59 47.96 13.99
CA TRP A 1688 32.97 47.57 13.69
C TRP A 1688 33.75 48.69 13.02
N ASN A 1689 33.11 49.81 12.68
CA ASN A 1689 33.76 50.96 12.06
C ASN A 1689 34.52 50.58 10.81
ZN ZN C . -26.21 -27.07 5.39
ZN ZN D . -31.64 -56.00 -11.33
ZN ZN E . -11.01 -1.70 20.20
ZN ZN F . 16.42 19.50 21.86
#